data_3FYP
#
_entry.id   3FYP
#
_cell.length_a   81.781
_cell.length_b   85.679
_cell.length_c   163.828
_cell.angle_alpha   90.000
_cell.angle_beta   90.000
_cell.angle_gamma   90.000
#
_symmetry.space_group_name_H-M   'P 21 21 21'
#
loop_
_entity.id
_entity.type
_entity.pdbx_description
1 polymer '3-deoxy-D-manno-octulosonic acid 8-phosphate synthetase'
2 non-polymer 'CHLORIDE ION'
3 non-polymer GLYCEROL
4 non-polymer 'SODIUM ION'
5 non-polymer PHOSPHOENOLPYRUVATE
6 non-polymer 'MANGANESE (II) ION'
7 water water
#
_entity_poly.entity_id   1
_entity_poly.type   'polypeptide(L)'
_entity_poly.pdbx_seq_one_letter_code
;MDIKINDITLGNNSPFVLFGGICVLESLDSTLQTCAHYVEVTRKLGIPYIFKASFDKANRSSIHSYRGVGLEEGLKIFEK
VKAEFGIPVITDVHEPHQCQPVAEVCDVIQLPAFLARQTDLVVAMAKTGNVVNIKKPQFLSPSQMKNIVEKFHEAGNGKL
ILCERGSSFGYDNLVVDMLGFGVMKQTCGNLPVIFDVTHSLQTRDAGSAASGGRRAQALDLALAGMATRLAGLFLESHPD
PKLAKSEGASALPLHLLEDFLIRIKALDDLIKSQPILTIE
;
_entity_poly.pdbx_strand_id   A,B,C,D
#
# COMPACT_ATOMS: atom_id res chain seq x y z
N MET A 1 -13.75 11.34 26.05
CA MET A 1 -14.10 10.59 27.31
C MET A 1 -12.84 10.11 27.99
N ASP A 2 -12.76 10.43 29.25
CA ASP A 2 -11.64 10.07 30.09
C ASP A 2 -11.92 8.77 30.76
N ILE A 3 -10.84 8.08 31.10
CA ILE A 3 -10.91 6.85 31.86
C ILE A 3 -10.00 6.97 33.09
N LYS A 4 -10.60 6.78 34.26
CA LYS A 4 -9.84 6.71 35.51
C LYS A 4 -9.24 5.32 35.69
N ILE A 5 -7.94 5.27 35.90
CA ILE A 5 -7.28 4.03 36.29
C ILE A 5 -6.53 4.27 37.56
N ASN A 6 -7.23 4.02 38.66
CA ASN A 6 -6.79 4.46 39.98
C ASN A 6 -6.69 5.97 40.07
N ASP A 7 -5.50 6.42 40.38
CA ASP A 7 -5.26 7.85 40.55
C ASP A 7 -4.87 8.51 39.23
N ILE A 8 -4.87 7.72 38.16
CA ILE A 8 -4.43 8.20 36.83
C ILE A 8 -5.65 8.59 35.99
N THR A 9 -5.60 9.78 35.40
CA THR A 9 -6.62 10.17 34.42
C THR A 9 -6.06 10.04 33.00
N LEU A 10 -6.67 9.14 32.25
CA LEU A 10 -6.23 8.81 30.90
C LEU A 10 -7.23 9.39 29.94
N GLY A 11 -6.78 10.34 29.13
CA GLY A 11 -7.63 10.88 28.10
C GLY A 11 -6.89 11.75 27.13
N ASN A 12 -7.56 12.05 26.04
CA ASN A 12 -6.92 12.75 24.93
C ASN A 12 -6.60 14.24 25.17
N ASN A 13 -7.12 14.79 26.26
CA ASN A 13 -6.74 16.16 26.65
C ASN A 13 -6.15 16.20 28.06
N SER A 14 -5.60 15.07 28.45
CA SER A 14 -4.85 14.94 29.71
C SER A 14 -3.38 14.68 29.45
N PRO A 15 -2.52 14.96 30.45
CA PRO A 15 -1.10 14.69 30.32
C PRO A 15 -0.88 13.23 29.91
N PHE A 16 -0.02 13.00 28.94
CA PHE A 16 0.16 11.63 28.42
C PHE A 16 0.57 10.64 29.51
N VAL A 17 0.04 9.45 29.35
CA VAL A 17 0.38 8.30 30.18
C VAL A 17 1.30 7.34 29.42
N LEU A 18 2.38 6.95 30.06
CA LEU A 18 3.31 5.96 29.51
C LEU A 18 2.92 4.56 29.91
N PHE A 19 2.76 3.73 28.89
CA PHE A 19 2.58 2.29 29.05
C PHE A 19 3.84 1.65 28.58
N GLY A 20 4.51 0.98 29.51
CA GLY A 20 5.86 0.48 29.25
C GLY A 20 6.28 -0.63 30.16
N GLY A 21 7.09 -1.54 29.62
CA GLY A 21 7.75 -2.53 30.45
C GLY A 21 8.56 -3.55 29.70
N ILE A 22 7.97 -4.71 29.52
CA ILE A 22 8.64 -5.80 28.84
C ILE A 22 7.75 -6.66 27.98
N CYS A 23 8.42 -7.44 27.14
CA CYS A 23 7.77 -8.23 26.12
C CYS A 23 7.05 -9.39 26.80
N VAL A 24 7.85 -10.23 27.42
CA VAL A 24 7.37 -11.50 27.98
C VAL A 24 8.02 -11.80 29.31
N LEU A 25 7.18 -11.95 30.32
CA LEU A 25 7.63 -12.21 31.67
C LEU A 25 8.53 -13.43 31.66
N GLU A 26 9.55 -13.38 32.52
CA GLU A 26 10.60 -14.41 32.60
C GLU A 26 10.92 -14.84 34.01
N SER A 27 11.24 -13.85 34.84
CA SER A 27 11.43 -14.07 36.27
C SER A 27 10.92 -12.90 37.09
N LEU A 28 10.67 -13.17 38.37
CA LEU A 28 10.15 -12.13 39.25
C LEU A 28 11.11 -10.96 39.31
N ASP A 29 12.39 -11.29 39.34
CA ASP A 29 13.42 -10.35 39.79
C ASP A 29 13.84 -9.42 38.68
N SER A 30 13.93 -9.97 37.49
CA SER A 30 14.26 -9.19 36.31
C SER A 30 13.04 -8.35 35.89
N THR A 31 11.87 -8.79 36.36
CA THR A 31 10.62 -8.04 36.18
C THR A 31 10.58 -6.80 37.06
N LEU A 32 10.97 -6.97 38.31
CA LEU A 32 10.91 -5.88 39.31
C LEU A 32 12.03 -4.88 39.05
N GLN A 33 13.08 -5.36 38.39
CA GLN A 33 14.27 -4.55 38.07
C GLN A 33 13.89 -3.57 36.97
N THR A 34 13.15 -4.10 36.01
CA THR A 34 12.74 -3.33 34.84
C THR A 34 11.72 -2.28 35.24
N CYS A 35 10.84 -2.66 36.15
CA CYS A 35 9.72 -1.80 36.55
C CYS A 35 10.20 -0.70 37.49
N ALA A 36 11.23 -1.02 38.26
CA ALA A 36 11.82 -0.03 39.19
C ALA A 36 12.46 1.11 38.41
N HIS A 37 12.98 0.74 37.25
CA HIS A 37 13.65 1.68 36.32
C HIS A 37 12.65 2.63 35.66
N TYR A 38 11.54 2.07 35.20
CA TYR A 38 10.49 2.90 34.58
C TYR A 38 9.90 3.82 35.62
N VAL A 39 9.67 3.26 36.80
CA VAL A 39 9.03 4.01 37.87
C VAL A 39 9.89 5.19 38.27
N GLU A 40 11.17 4.92 38.44
CA GLU A 40 12.16 5.93 38.85
C GLU A 40 12.24 7.06 37.82
N VAL A 41 12.32 6.70 36.55
CA VAL A 41 12.37 7.72 35.47
C VAL A 41 11.06 8.50 35.34
N THR A 42 9.95 7.79 35.36
CA THR A 42 8.64 8.45 35.17
C THR A 42 8.30 9.29 36.40
N ARG A 43 8.64 8.79 37.57
CA ARG A 43 8.41 9.58 38.78
C ARG A 43 9.14 10.94 38.74
N LYS A 44 10.42 10.91 38.42
CA LYS A 44 11.23 12.12 38.51
C LYS A 44 10.89 13.11 37.40
N LEU A 45 10.30 12.60 36.34
CA LEU A 45 9.84 13.44 35.22
C LEU A 45 8.38 13.88 35.37
N GLY A 46 7.66 13.23 36.27
CA GLY A 46 6.26 13.57 36.56
C GLY A 46 5.24 13.01 35.57
N ILE A 47 5.53 11.83 35.05
CA ILE A 47 4.75 11.20 33.95
C ILE A 47 3.98 10.02 34.53
N PRO A 48 2.64 9.98 34.33
CA PRO A 48 1.94 8.83 34.89
C PRO A 48 2.30 7.56 34.16
N TYR A 49 2.30 6.44 34.88
CA TYR A 49 2.91 5.22 34.35
C TYR A 49 2.16 3.95 34.67
N ILE A 50 2.04 3.12 33.64
CA ILE A 50 1.38 1.83 33.73
C ILE A 50 2.32 0.76 33.19
N PHE A 51 2.63 -0.21 34.04
CA PHE A 51 3.57 -1.29 33.69
C PHE A 51 2.92 -2.37 32.82
N LYS A 52 3.68 -2.75 31.80
CA LYS A 52 3.24 -3.71 30.77
C LYS A 52 4.10 -4.95 30.68
N ALA A 53 3.43 -6.09 30.62
CA ALA A 53 4.09 -7.37 30.28
C ALA A 53 3.09 -8.45 29.89
N SER A 54 3.55 -9.35 29.03
CA SER A 54 2.84 -10.61 28.73
C SER A 54 3.34 -11.75 29.58
N PHE A 55 2.44 -12.68 29.84
CA PHE A 55 2.77 -13.89 30.62
C PHE A 55 3.03 -15.06 29.68
N ASP A 56 2.59 -14.86 28.44
CA ASP A 56 2.75 -15.86 27.38
CA ASP A 56 2.77 -15.86 27.38
C ASP A 56 3.19 -15.22 26.08
N LYS A 57 4.11 -15.91 25.41
CA LYS A 57 4.53 -15.59 24.05
C LYS A 57 3.74 -16.47 23.05
N ALA A 58 2.91 -15.83 22.24
CA ALA A 58 1.94 -16.54 21.40
C ALA A 58 2.57 -17.05 20.10
N ASN A 59 3.35 -16.16 19.47
CA ASN A 59 4.17 -16.49 18.29
C ASN A 59 5.65 -16.63 18.60
N ARG A 60 6.11 -17.87 18.53
CA ARG A 60 7.43 -18.24 19.01
C ARG A 60 8.36 -18.59 17.87
N SER A 61 9.62 -18.25 18.05
CA SER A 61 10.62 -18.34 16.96
C SER A 61 10.80 -19.81 16.56
N SER A 62 10.50 -20.67 17.52
CA SER A 62 10.62 -22.13 17.33
C SER A 62 9.50 -22.81 18.08
N ILE A 63 9.16 -24.02 17.67
CA ILE A 63 8.13 -24.80 18.38
C ILE A 63 8.70 -25.26 19.71
N HIS A 64 9.98 -25.00 19.86
CA HIS A 64 10.75 -25.45 21.03
C HIS A 64 11.13 -24.30 21.94
N SER A 65 11.02 -23.09 21.38
CA SER A 65 11.45 -21.85 22.06
C SER A 65 10.74 -21.66 23.38
N TYR A 66 11.41 -20.89 24.24
CA TYR A 66 10.82 -20.32 25.47
C TYR A 66 9.48 -19.65 25.21
N ARG A 67 8.57 -19.84 26.16
CA ARG A 67 7.15 -19.44 25.98
C ARG A 67 6.67 -18.42 27.00
N GLY A 68 7.47 -18.23 28.03
CA GLY A 68 7.13 -17.38 29.17
C GLY A 68 6.69 -18.17 30.39
N VAL A 69 6.38 -17.45 31.46
CA VAL A 69 6.16 -18.06 32.78
C VAL A 69 4.71 -18.51 32.97
N GLY A 70 3.87 -18.13 32.03
CA GLY A 70 2.47 -18.54 32.05
C GLY A 70 1.60 -17.78 33.03
N LEU A 71 0.30 -18.05 32.90
CA LEU A 71 -0.75 -17.31 33.62
C LEU A 71 -0.59 -17.31 35.14
N GLU A 72 -0.49 -18.50 35.73
CA GLU A 72 -0.55 -18.60 37.19
C GLU A 72 0.67 -17.92 37.80
N GLU A 73 1.81 -18.15 37.18
CA GLU A 73 3.07 -17.60 37.68
C GLU A 73 3.15 -16.13 37.28
N GLY A 74 2.74 -15.89 36.05
CA GLY A 74 2.61 -14.54 35.51
C GLY A 74 1.83 -13.63 36.44
N LEU A 75 0.65 -14.10 36.84
CA LEU A 75 -0.23 -13.31 37.69
C LEU A 75 0.39 -13.04 39.06
N LYS A 76 1.18 -13.99 39.52
CA LYS A 76 1.88 -13.85 40.82
C LYS A 76 2.77 -12.62 40.76
N ILE A 77 3.45 -12.53 39.64
CA ILE A 77 4.49 -11.52 39.38
C ILE A 77 3.83 -10.16 39.32
N PHE A 78 2.73 -10.10 38.59
CA PHE A 78 1.94 -8.86 38.50
C PHE A 78 1.49 -8.40 39.87
N GLU A 79 0.99 -9.34 40.67
CA GLU A 79 0.50 -9.02 42.01
C GLU A 79 1.61 -8.38 42.83
N LYS A 80 2.83 -8.89 42.64
CA LYS A 80 4.00 -8.38 43.37
C LYS A 80 4.30 -6.93 42.96
N VAL A 81 4.19 -6.70 41.66
CA VAL A 81 4.55 -5.39 41.06
C VAL A 81 3.65 -4.33 41.64
N LYS A 82 2.37 -4.67 41.78
CA LYS A 82 1.37 -3.70 42.25
C LYS A 82 1.63 -3.37 43.72
N ALA A 83 2.09 -4.40 44.42
CA ALA A 83 2.29 -4.32 45.87
C ALA A 83 3.49 -3.42 46.15
N GLU A 84 4.56 -3.72 45.44
CA GLU A 84 5.82 -2.98 45.59
C GLU A 84 5.71 -1.52 45.15
N PHE A 85 5.07 -1.29 43.99
CA PHE A 85 5.19 0.01 43.31
C PHE A 85 3.91 0.84 43.36
N GLY A 86 2.81 0.16 43.62
CA GLY A 86 1.51 0.82 43.76
C GLY A 86 1.06 1.45 42.45
N ILE A 87 1.44 0.79 41.36
CA ILE A 87 1.02 1.21 40.02
C ILE A 87 0.04 0.27 39.35
N PRO A 88 -0.69 0.77 38.35
CA PRO A 88 -1.48 -0.09 37.48
C PRO A 88 -0.64 -0.91 36.55
N VAL A 89 -1.20 -2.02 36.10
CA VAL A 89 -0.53 -2.87 35.14
C VAL A 89 -1.48 -3.31 34.06
N ILE A 90 -0.88 -3.73 32.97
CA ILE A 90 -1.60 -4.10 31.76
C ILE A 90 -1.00 -5.35 31.16
N THR A 91 -1.87 -6.24 30.72
CA THR A 91 -1.42 -7.45 30.04
C THR A 91 -2.44 -7.90 29.04
N ASP A 92 -2.00 -8.71 28.10
CA ASP A 92 -2.92 -9.28 27.11
C ASP A 92 -3.47 -10.63 27.51
N VAL A 93 -4.61 -10.94 26.90
CA VAL A 93 -5.30 -12.20 27.11
C VAL A 93 -5.61 -12.81 25.77
N HIS A 94 -5.66 -14.13 25.73
CA HIS A 94 -5.82 -14.84 24.45
C HIS A 94 -7.02 -15.78 24.44
N GLU A 95 -7.52 -16.05 25.63
CA GLU A 95 -8.60 -17.02 25.81
C GLU A 95 -9.67 -16.45 26.71
N PRO A 96 -10.94 -16.72 26.37
CA PRO A 96 -12.05 -16.19 27.13
C PRO A 96 -12.04 -16.63 28.58
N HIS A 97 -11.60 -17.86 28.80
CA HIS A 97 -11.52 -18.41 30.16
C HIS A 97 -10.54 -17.59 31.01
N GLN A 98 -9.51 -17.06 30.36
CA GLN A 98 -8.46 -16.27 31.05
C GLN A 98 -8.96 -14.94 31.60
N CYS A 99 -10.03 -14.45 31.02
CA CYS A 99 -10.37 -13.03 31.16
C CYS A 99 -10.68 -12.61 32.58
N GLN A 100 -11.59 -13.30 33.24
CA GLN A 100 -11.99 -12.90 34.59
C GLN A 100 -10.83 -13.01 35.58
N PRO A 101 -10.06 -14.10 35.53
CA PRO A 101 -9.01 -14.27 36.54
C PRO A 101 -7.86 -13.27 36.36
N VAL A 102 -7.42 -13.12 35.12
CA VAL A 102 -6.48 -12.02 34.77
C VAL A 102 -6.99 -10.65 35.22
N ALA A 103 -8.29 -10.45 35.04
CA ALA A 103 -8.90 -9.15 35.35
C ALA A 103 -9.00 -8.89 36.85
N GLU A 104 -8.88 -9.95 37.63
CA GLU A 104 -8.89 -9.82 39.09
C GLU A 104 -7.61 -9.11 39.51
N VAL A 105 -6.56 -9.29 38.71
CA VAL A 105 -5.21 -8.83 39.07
C VAL A 105 -4.78 -7.61 38.25
N CYS A 106 -5.03 -7.70 36.96
CA CYS A 106 -4.48 -6.73 36.00
C CYS A 106 -5.49 -5.64 35.69
N ASP A 107 -5.06 -4.40 35.89
CA ASP A 107 -5.99 -3.27 35.82
C ASP A 107 -6.54 -3.13 34.40
N VAL A 108 -5.65 -3.16 33.43
CA VAL A 108 -6.04 -3.11 32.02
C VAL A 108 -5.71 -4.42 31.39
N ILE A 109 -6.67 -4.92 30.64
CA ILE A 109 -6.44 -6.10 29.85
C ILE A 109 -6.50 -5.74 28.38
N GLN A 110 -5.67 -6.43 27.61
CA GLN A 110 -5.38 -6.06 26.23
C GLN A 110 -5.84 -7.11 25.25
N LEU A 111 -6.53 -6.63 24.24
CA LEU A 111 -6.94 -7.45 23.08
C LEU A 111 -5.84 -7.47 22.01
N PRO A 112 -5.22 -8.63 21.82
CA PRO A 112 -4.20 -8.68 20.78
C PRO A 112 -4.76 -8.34 19.43
N ALA A 113 -3.91 -7.72 18.62
CA ALA A 113 -4.30 -7.30 17.29
C ALA A 113 -4.87 -8.47 16.52
N PHE A 114 -4.19 -9.61 16.60
CA PHE A 114 -4.56 -10.77 15.77
C PHE A 114 -5.91 -11.36 16.16
N LEU A 115 -6.35 -11.00 17.35
CA LEU A 115 -7.57 -11.55 17.95
C LEU A 115 -8.71 -10.52 17.94
N ALA A 116 -8.45 -9.38 17.31
CA ALA A 116 -9.32 -8.19 17.49
C ALA A 116 -10.72 -8.45 16.97
N ARG A 117 -10.82 -9.41 16.07
CA ARG A 117 -12.11 -9.70 15.45
C ARG A 117 -12.73 -10.99 16.02
N GLN A 118 -12.13 -11.50 17.08
CA GLN A 118 -12.62 -12.73 17.74
CA GLN A 118 -12.64 -12.72 17.74
C GLN A 118 -13.71 -12.42 18.77
N THR A 119 -14.93 -12.66 18.36
CA THR A 119 -16.11 -12.17 19.07
C THR A 119 -16.25 -12.74 20.47
N ASP A 120 -15.85 -14.01 20.60
CA ASP A 120 -15.81 -14.71 21.90
C ASP A 120 -14.98 -13.94 22.92
N LEU A 121 -13.80 -13.56 22.46
CA LEU A 121 -12.79 -12.96 23.35
C LEU A 121 -13.18 -11.54 23.68
N VAL A 122 -13.75 -10.88 22.68
CA VAL A 122 -14.36 -9.56 22.88
C VAL A 122 -15.43 -9.62 23.98
N VAL A 123 -16.33 -10.59 23.88
CA VAL A 123 -17.45 -10.65 24.82
C VAL A 123 -16.97 -10.92 26.26
N ALA A 124 -15.99 -11.81 26.35
CA ALA A 124 -15.45 -12.28 27.65
C ALA A 124 -14.61 -11.20 28.32
N MET A 125 -13.91 -10.42 27.50
CA MET A 125 -13.16 -9.28 28.04
C MET A 125 -14.17 -8.26 28.53
N ALA A 126 -15.17 -8.00 27.70
CA ALA A 126 -16.14 -6.95 28.05
C ALA A 126 -16.77 -7.23 29.40
N LYS A 127 -17.05 -8.50 29.62
CA LYS A 127 -17.86 -8.92 30.78
C LYS A 127 -17.12 -8.71 32.09
N THR A 128 -15.80 -8.60 32.01
CA THR A 128 -14.99 -8.38 33.21
C THR A 128 -15.25 -7.01 33.76
N GLY A 129 -15.66 -6.12 32.87
CA GLY A 129 -15.89 -4.73 33.22
C GLY A 129 -14.61 -3.94 33.42
N ASN A 130 -13.49 -4.59 33.18
CA ASN A 130 -12.17 -3.95 33.31
C ASN A 130 -11.95 -2.94 32.18
N VAL A 131 -11.00 -2.04 32.39
CA VAL A 131 -10.48 -1.21 31.28
C VAL A 131 -9.80 -2.13 30.25
N VAL A 132 -10.08 -1.85 28.97
CA VAL A 132 -9.62 -2.66 27.85
C VAL A 132 -8.78 -1.84 26.86
N ASN A 133 -7.65 -2.38 26.46
CA ASN A 133 -6.82 -1.77 25.36
C ASN A 133 -6.93 -2.61 24.11
N ILE A 134 -7.47 -1.99 23.07
CA ILE A 134 -7.67 -2.57 21.75
C ILE A 134 -6.48 -2.24 20.84
N LYS A 135 -5.64 -3.25 20.59
CA LYS A 135 -4.57 -3.14 19.57
C LYS A 135 -5.19 -3.15 18.18
N LYS A 136 -5.05 -2.03 17.47
CA LYS A 136 -5.57 -1.86 16.13
C LYS A 136 -4.72 -2.72 15.17
N PRO A 137 -5.36 -3.67 14.47
CA PRO A 137 -4.58 -4.49 13.55
C PRO A 137 -3.99 -3.65 12.44
N GLN A 138 -2.86 -4.12 11.96
CA GLN A 138 -2.15 -3.40 10.91
C GLN A 138 -2.93 -3.43 9.61
N PHE A 139 -3.82 -4.41 9.52
CA PHE A 139 -4.66 -4.59 8.34
C PHE A 139 -6.02 -3.94 8.46
N LEU A 140 -6.28 -3.29 9.58
CA LEU A 140 -7.60 -2.62 9.79
C LEU A 140 -7.50 -1.12 9.66
N SER A 141 -8.39 -0.55 8.88
CA SER A 141 -8.44 0.91 8.73
C SER A 141 -9.03 1.64 9.96
N PRO A 142 -8.61 2.89 10.21
CA PRO A 142 -9.07 3.61 11.41
C PRO A 142 -10.59 3.69 11.49
N SER A 143 -11.21 3.60 10.33
CA SER A 143 -12.66 3.80 10.19
C SER A 143 -13.42 2.57 10.68
N GLN A 144 -12.70 1.48 10.90
CA GLN A 144 -13.35 0.23 11.22
C GLN A 144 -13.34 0.01 12.73
N MET A 145 -12.61 0.87 13.43
CA MET A 145 -12.42 0.69 14.88
C MET A 145 -13.76 0.86 15.58
N LYS A 146 -14.62 1.66 14.97
CA LYS A 146 -15.94 1.95 15.54
C LYS A 146 -16.78 0.68 15.67
N ASN A 147 -16.44 -0.31 14.85
CA ASN A 147 -17.17 -1.59 14.81
C ASN A 147 -16.76 -2.50 15.96
N ILE A 148 -15.50 -2.41 16.36
CA ILE A 148 -15.03 -3.08 17.56
C ILE A 148 -15.58 -2.43 18.82
N VAL A 149 -15.54 -1.10 18.83
CA VAL A 149 -16.11 -0.30 19.94
C VAL A 149 -17.58 -0.67 20.16
N GLU A 150 -18.31 -0.82 19.06
CA GLU A 150 -19.75 -1.14 19.13
C GLU A 150 -20.01 -2.48 19.78
N LYS A 151 -19.15 -3.44 19.46
CA LYS A 151 -19.27 -4.78 20.04
C LYS A 151 -19.03 -4.77 21.53
N PHE A 152 -17.97 -4.09 21.97
CA PHE A 152 -17.69 -3.96 23.40
C PHE A 152 -18.81 -3.26 24.13
N HIS A 153 -19.35 -2.21 23.50
CA HIS A 153 -20.46 -1.44 24.08
C HIS A 153 -21.70 -2.30 24.26
N GLU A 154 -22.01 -3.00 23.20
CA GLU A 154 -23.15 -3.92 23.17
C GLU A 154 -22.99 -5.03 24.20
N ALA A 155 -21.73 -5.34 24.50
CA ALA A 155 -21.40 -6.38 25.48
C ALA A 155 -21.19 -5.78 26.87
N GLY A 156 -21.47 -4.49 27.00
CA GLY A 156 -21.61 -3.83 28.31
C GLY A 156 -20.39 -3.12 28.89
N ASN A 157 -19.40 -2.86 28.05
CA ASN A 157 -18.12 -2.27 28.52
C ASN A 157 -17.69 -1.15 27.59
N GLY A 158 -17.65 0.05 28.15
CA GLY A 158 -17.29 1.25 27.41
C GLY A 158 -15.97 1.86 27.85
N LYS A 159 -15.19 1.09 28.61
CA LYS A 159 -13.93 1.61 29.14
C LYS A 159 -12.78 1.19 28.26
N LEU A 160 -12.73 1.78 27.07
CA LEU A 160 -11.94 1.22 25.98
C LEU A 160 -10.89 2.23 25.57
N ILE A 161 -9.70 1.71 25.33
CA ILE A 161 -8.56 2.49 24.81
C ILE A 161 -8.24 1.92 23.44
N LEU A 162 -7.98 2.81 22.48
CA LEU A 162 -7.60 2.41 21.12
C LEU A 162 -6.12 2.67 20.87
N CYS A 163 -5.43 1.65 20.39
CA CYS A 163 -3.98 1.65 20.39
C CYS A 163 -3.47 1.42 18.98
N GLU A 164 -2.99 2.52 18.41
CA GLU A 164 -2.33 2.55 17.10
C GLU A 164 -1.04 1.79 17.09
N ARG A 165 -0.86 1.02 16.02
N ARG A 165 -0.87 1.03 16.02
CA ARG A 165 0.35 0.21 15.88
CA ARG A 165 0.32 0.18 15.87
C ARG A 165 1.00 0.31 14.53
C ARG A 165 0.83 0.12 14.45
N GLY A 166 0.39 1.07 13.61
CA GLY A 166 0.86 1.14 12.22
C GLY A 166 -0.04 0.38 11.26
N SER A 167 0.19 0.55 9.97
CA SER A 167 -0.65 -0.06 8.94
C SER A 167 0.26 -0.72 7.88
N SER A 168 -0.24 -1.81 7.33
CA SER A 168 0.50 -2.60 6.34
CA SER A 168 0.46 -2.61 6.32
C SER A 168 0.81 -1.74 5.11
N PHE A 169 2.07 -1.74 4.72
CA PHE A 169 2.55 -0.88 3.64
C PHE A 169 3.42 -1.69 2.69
N GLY A 170 2.77 -2.26 1.69
CA GLY A 170 3.41 -3.29 0.84
C GLY A 170 3.73 -4.51 1.67
N TYR A 171 4.77 -5.25 1.28
CA TYR A 171 5.24 -6.42 2.03
C TYR A 171 6.21 -6.08 3.16
N ASP A 172 5.96 -6.64 4.32
CA ASP A 172 6.92 -6.57 5.44
C ASP A 172 7.24 -5.18 5.95
N ASN A 173 6.47 -4.18 5.55
CA ASN A 173 6.69 -2.84 6.06
C ASN A 173 5.42 -2.28 6.66
N LEU A 174 5.62 -1.29 7.52
CA LEU A 174 4.51 -0.57 8.12
C LEU A 174 4.72 0.93 7.89
N VAL A 175 3.61 1.64 7.83
CA VAL A 175 3.55 3.10 7.90
C VAL A 175 2.47 3.52 8.89
N VAL A 176 2.76 4.58 9.66
CA VAL A 176 1.77 5.16 10.55
C VAL A 176 1.11 6.38 9.92
N ASP A 177 -0.20 6.28 9.77
CA ASP A 177 -1.01 7.35 9.20
C ASP A 177 -1.45 8.28 10.33
N MET A 178 -0.87 9.47 10.32
CA MET A 178 -1.06 10.45 11.40
C MET A 178 -2.46 11.00 11.43
N LEU A 179 -3.17 10.89 10.30
CA LEU A 179 -4.58 11.26 10.19
C LEU A 179 -5.52 10.26 10.85
N GLY A 180 -5.03 9.06 11.07
CA GLY A 180 -5.86 7.98 11.62
C GLY A 180 -6.29 8.26 13.05
N PHE A 181 -5.42 8.92 13.80
CA PHE A 181 -5.73 9.26 15.20
C PHE A 181 -7.01 10.06 15.31
N GLY A 182 -7.12 11.06 14.46
CA GLY A 182 -8.29 11.93 14.39
C GLY A 182 -9.56 11.26 13.90
N VAL A 183 -9.38 10.32 12.99
CA VAL A 183 -10.49 9.51 12.46
C VAL A 183 -11.08 8.67 13.59
N MET A 184 -10.19 8.10 14.39
CA MET A 184 -10.61 7.23 15.49
C MET A 184 -11.29 8.06 16.57
N LYS A 185 -10.72 9.23 16.88
CA LYS A 185 -11.32 10.08 17.90
C LYS A 185 -12.72 10.46 17.47
N GLN A 186 -12.85 10.79 16.20
CA GLN A 186 -14.10 11.39 15.68
C GLN A 186 -15.24 10.37 15.55
N THR A 187 -14.86 9.12 15.34
CA THR A 187 -15.82 8.08 15.01
C THR A 187 -16.07 7.14 16.19
N CYS A 188 -15.24 7.23 17.23
CA CYS A 188 -15.34 6.32 18.37
C CYS A 188 -15.60 7.03 19.71
N GLY A 189 -16.13 8.22 19.61
CA GLY A 189 -16.63 8.94 20.80
C GLY A 189 -15.50 9.47 21.65
N ASN A 190 -14.39 9.77 20.98
CA ASN A 190 -13.23 10.44 21.65
C ASN A 190 -12.69 9.63 22.81
N LEU A 191 -12.86 8.33 22.70
CA LEU A 191 -12.16 7.41 23.62
C LEU A 191 -10.70 7.73 23.63
N PRO A 192 -10.00 7.38 24.71
CA PRO A 192 -8.56 7.53 24.72
C PRO A 192 -7.88 6.78 23.61
N VAL A 193 -7.02 7.50 22.92
CA VAL A 193 -6.14 6.94 21.90
C VAL A 193 -4.69 6.98 22.33
N ILE A 194 -4.04 5.84 22.21
CA ILE A 194 -2.62 5.69 22.54
C ILE A 194 -1.84 5.14 21.35
N PHE A 195 -0.54 5.39 21.40
CA PHE A 195 0.35 5.10 20.26
C PHE A 195 1.46 4.15 20.63
N ASP A 196 1.37 2.94 20.08
CA ASP A 196 2.43 1.93 20.22
C ASP A 196 3.49 2.16 19.15
N VAL A 197 4.45 3.00 19.51
CA VAL A 197 5.51 3.40 18.60
CA VAL A 197 5.56 3.40 18.65
C VAL A 197 6.46 2.23 18.30
N THR A 198 6.66 1.37 19.28
CA THR A 198 7.63 0.28 19.14
C THR A 198 7.28 -0.69 18.02
N HIS A 199 6.01 -1.08 17.99
N HIS A 199 6.03 -1.11 18.00
CA HIS A 199 5.55 -2.17 17.11
CA HIS A 199 5.62 -2.13 17.05
C HIS A 199 5.22 -1.57 15.75
C HIS A 199 5.74 -1.51 15.70
N SER A 200 5.33 -0.25 15.71
CA SER A 200 5.02 0.49 14.50
C SER A 200 6.21 0.54 13.62
N LEU A 201 7.34 0.20 14.25
CA LEU A 201 8.66 0.27 13.64
C LEU A 201 9.08 -1.09 13.12
N GLN A 202 8.45 -1.50 12.02
CA GLN A 202 8.81 -2.77 11.33
C GLN A 202 10.20 -2.69 10.73
N THR A 203 10.31 -1.86 9.70
CA THR A 203 11.59 -1.37 9.21
C THR A 203 12.46 -2.55 8.78
N SER A 211 22.08 10.29 12.85
CA SER A 211 20.69 10.41 13.24
C SER A 211 20.55 10.14 14.74
N GLY A 212 21.09 9.01 15.14
CA GLY A 212 20.72 8.37 16.41
C GLY A 212 20.30 6.93 16.21
N GLY A 213 20.29 6.52 14.95
CA GLY A 213 19.90 5.17 14.55
C GLY A 213 18.42 4.90 14.76
N ARG A 214 18.14 3.78 15.44
CA ARG A 214 16.77 3.35 15.74
C ARG A 214 16.17 4.25 16.82
N ARG A 215 17.06 4.87 17.59
CA ARG A 215 16.64 5.66 18.74
C ARG A 215 16.14 7.00 18.23
N ALA A 216 16.76 7.44 17.14
CA ALA A 216 16.38 8.69 16.51
C ALA A 216 15.04 8.50 15.81
N GLN A 217 14.82 7.28 15.33
CA GLN A 217 13.59 6.97 14.55
C GLN A 217 12.39 6.97 15.47
N ALA A 218 12.54 6.23 16.56
CA ALA A 218 11.49 6.08 17.56
C ALA A 218 11.08 7.46 18.07
N LEU A 219 12.08 8.30 18.32
CA LEU A 219 11.85 9.67 18.82
C LEU A 219 11.04 10.52 17.83
N ASP A 220 11.47 10.54 16.57
CA ASP A 220 10.78 11.31 15.51
C ASP A 220 9.33 10.81 15.36
N LEU A 221 9.17 9.51 15.38
CA LEU A 221 7.82 8.93 15.17
C LEU A 221 6.89 9.21 16.38
N ALA A 222 7.45 9.08 17.59
CA ALA A 222 6.71 9.33 18.84
C ALA A 222 6.29 10.80 18.94
N LEU A 223 7.22 11.68 18.61
CA LEU A 223 6.94 13.10 18.58
C LEU A 223 5.82 13.41 17.58
N ALA A 224 5.93 12.85 16.39
CA ALA A 224 4.93 13.09 15.35
C ALA A 224 3.54 12.66 15.85
N GLY A 225 3.43 11.48 16.43
CA GLY A 225 2.13 10.99 16.86
C GLY A 225 1.56 11.85 17.99
N MET A 226 2.40 12.20 18.97
CA MET A 226 1.92 12.93 20.14
C MET A 226 1.54 14.37 19.78
N ALA A 227 2.04 14.84 18.65
CA ALA A 227 1.68 16.17 18.16
C ALA A 227 0.24 16.25 17.78
N THR A 228 -0.40 15.10 17.61
CA THR A 228 -1.82 15.02 17.20
C THR A 228 -2.78 14.99 18.39
N ARG A 229 -2.19 15.03 19.58
CA ARG A 229 -2.92 15.10 20.83
C ARG A 229 -3.54 13.77 21.27
N LEU A 230 -2.76 13.02 22.02
CA LEU A 230 -3.10 11.65 22.34
C LEU A 230 -3.06 11.40 23.84
N ALA A 231 -3.77 10.37 24.26
CA ALA A 231 -3.85 10.02 25.67
C ALA A 231 -2.58 9.40 26.23
N GLY A 232 -1.87 8.71 25.38
CA GLY A 232 -0.72 7.97 25.86
C GLY A 232 0.18 7.41 24.79
N LEU A 233 1.28 6.91 25.30
CA LEU A 233 2.35 6.36 24.48
C LEU A 233 2.67 5.00 25.03
N PHE A 234 2.93 4.10 24.12
CA PHE A 234 3.04 2.69 24.46
C PHE A 234 4.35 2.21 23.92
N LEU A 235 5.19 1.78 24.84
CA LEU A 235 6.56 1.38 24.51
C LEU A 235 6.70 -0.08 24.84
N GLU A 236 7.20 -0.80 23.86
CA GLU A 236 7.62 -2.18 24.07
C GLU A 236 9.14 -2.28 24.30
N SER A 237 9.85 -1.15 24.19
CA SER A 237 11.07 -0.95 25.01
C SER A 237 11.72 0.46 25.04
N HIS A 238 11.90 1.12 23.90
CA HIS A 238 12.59 2.42 23.90
C HIS A 238 11.96 3.42 22.93
N PRO A 253 27.78 5.77 29.79
CA PRO A 253 26.53 5.11 30.16
C PRO A 253 25.32 6.01 29.93
N LEU A 254 24.52 5.61 28.95
CA LEU A 254 23.41 6.44 28.48
C LEU A 254 22.12 6.17 29.24
N HIS A 255 21.31 7.21 29.32
CA HIS A 255 20.00 7.13 29.95
C HIS A 255 18.93 7.36 28.89
N LEU A 256 18.71 6.32 28.10
CA LEU A 256 18.04 6.48 26.81
C LEU A 256 16.57 6.75 27.02
N LEU A 257 16.02 6.14 28.06
CA LEU A 257 14.57 6.24 28.33
C LEU A 257 14.23 7.66 28.77
N GLU A 258 15.01 8.19 29.68
CA GLU A 258 14.70 9.51 30.23
C GLU A 258 14.95 10.60 29.20
N ASP A 259 15.95 10.39 28.35
CA ASP A 259 16.28 11.39 27.31
C ASP A 259 15.07 11.52 26.41
N PHE A 260 14.61 10.35 26.00
CA PHE A 260 13.41 10.20 25.17
C PHE A 260 12.20 10.91 25.78
N LEU A 261 11.89 10.50 27.01
CA LEU A 261 10.67 10.98 27.70
C LEU A 261 10.67 12.47 27.98
N ILE A 262 11.85 13.01 28.27
CA ILE A 262 12.01 14.43 28.47
C ILE A 262 11.45 15.20 27.29
N ARG A 263 11.74 14.70 26.10
CA ARG A 263 11.32 15.38 24.86
CA ARG A 263 11.33 15.36 24.84
C ARG A 263 9.85 15.15 24.54
N ILE A 264 9.37 13.95 24.82
CA ILE A 264 7.95 13.64 24.65
C ILE A 264 7.10 14.50 25.59
N LYS A 265 7.58 14.65 26.81
CA LYS A 265 6.83 15.42 27.80
C LYS A 265 6.79 16.88 27.40
N ALA A 266 7.90 17.39 26.89
CA ALA A 266 7.97 18.80 26.45
C ALA A 266 6.95 19.10 25.35
N LEU A 267 6.83 18.19 24.39
CA LEU A 267 5.88 18.36 23.30
CA LEU A 267 5.88 18.35 23.28
C LEU A 267 4.45 18.19 23.77
N ASP A 268 4.25 17.17 24.58
CA ASP A 268 2.92 16.87 25.06
C ASP A 268 2.42 18.01 25.91
N ASP A 269 3.28 18.56 26.76
CA ASP A 269 2.86 19.67 27.64
C ASP A 269 2.40 20.86 26.79
N LEU A 270 3.13 21.10 25.71
CA LEU A 270 2.79 22.21 24.79
C LEU A 270 1.45 21.96 24.13
N ILE A 271 1.39 20.82 23.45
CA ILE A 271 0.18 20.42 22.72
C ILE A 271 -1.08 20.53 23.59
N LYS A 272 -0.98 20.03 24.81
CA LYS A 272 -2.14 19.91 25.69
C LYS A 272 -2.52 21.27 26.29
N SER A 273 -1.63 22.23 26.15
CA SER A 273 -1.89 23.59 26.64
C SER A 273 -2.56 24.46 25.59
N GLN A 274 -2.60 23.94 24.37
CA GLN A 274 -3.21 24.66 23.27
C GLN A 274 -4.70 24.35 23.32
N PRO A 275 -5.56 25.38 23.21
CA PRO A 275 -7.01 25.09 23.09
C PRO A 275 -7.32 24.26 21.87
N ILE A 276 -8.30 23.38 21.99
CA ILE A 276 -8.82 22.63 20.84
C ILE A 276 -9.73 23.51 20.01
N LEU A 277 -9.56 23.45 18.70
CA LEU A 277 -10.29 24.33 17.76
C LEU A 277 -11.70 23.82 17.49
N THR A 278 -12.48 24.71 16.88
CA THR A 278 -13.88 24.44 16.56
C THR A 278 -14.75 24.46 17.81
N MET B 1 22.59 21.15 6.24
CA MET B 1 23.04 22.28 5.34
C MET B 1 21.96 23.32 5.17
N ASP B 2 22.34 24.57 5.42
CA ASP B 2 21.45 25.72 5.28
C ASP B 2 21.54 26.34 3.90
N ILE B 3 20.45 26.95 3.50
CA ILE B 3 20.39 27.73 2.28
C ILE B 3 19.93 29.14 2.61
N LYS B 4 20.65 30.11 2.08
CA LYS B 4 20.31 31.53 2.30
C LYS B 4 19.47 31.97 1.13
N ILE B 5 18.31 32.53 1.44
CA ILE B 5 17.43 33.04 0.39
C ILE B 5 17.16 34.48 0.69
N ASN B 6 17.89 35.35 0.01
CA ASN B 6 18.00 36.73 0.44
C ASN B 6 18.33 36.80 1.91
N ASP B 7 17.43 37.40 2.67
CA ASP B 7 17.69 37.61 4.10
CA ASP B 7 17.63 37.63 4.11
C ASP B 7 17.24 36.41 4.95
N ILE B 8 16.63 35.44 4.30
CA ILE B 8 16.12 34.25 5.02
C ILE B 8 17.15 33.16 5.12
N THR B 9 17.22 32.54 6.30
CA THR B 9 17.95 31.28 6.47
C THR B 9 17.00 30.09 6.52
N LEU B 10 17.12 29.22 5.52
CA LEU B 10 16.35 27.96 5.42
C LEU B 10 17.18 26.75 5.75
N GLY B 11 16.73 26.04 6.75
CA GLY B 11 17.44 24.87 7.21
C GLY B 11 16.73 24.13 8.31
N ASN B 12 17.07 22.85 8.43
CA ASN B 12 16.34 21.92 9.30
C ASN B 12 16.50 22.25 10.77
N ASN B 13 17.46 23.11 11.09
CA ASN B 13 17.60 23.57 12.46
CA ASN B 13 17.66 23.58 12.46
C ASN B 13 17.35 25.05 12.59
N SER B 14 16.62 25.60 11.62
CA SER B 14 16.25 27.01 11.66
C SER B 14 14.75 27.21 11.80
N PRO B 15 14.31 28.39 12.29
CA PRO B 15 12.88 28.62 12.36
C PRO B 15 12.24 28.34 11.03
N PHE B 16 11.09 27.70 11.08
CA PHE B 16 10.44 27.22 9.87
C PHE B 16 10.07 28.38 8.96
N VAL B 17 10.21 28.13 7.66
CA VAL B 17 9.77 29.07 6.62
C VAL B 17 8.45 28.62 6.01
N LEU B 18 7.54 29.56 5.84
CA LEU B 18 6.28 29.32 5.15
C LEU B 18 6.36 29.63 3.68
N PHE B 19 5.92 28.65 2.89
CA PHE B 19 5.79 28.77 1.43
C PHE B 19 4.29 28.73 1.16
N GLY B 20 3.76 29.78 0.57
CA GLY B 20 2.31 29.85 0.31
C GLY B 20 1.90 30.99 -0.60
N GLY B 21 0.76 30.83 -1.26
CA GLY B 21 0.28 31.91 -2.10
C GLY B 21 -0.99 31.57 -2.84
N ILE B 22 -0.88 31.58 -4.14
CA ILE B 22 -2.02 31.27 -5.01
C ILE B 22 -1.65 30.23 -6.04
N CYS B 23 -2.67 29.55 -6.53
CA CYS B 23 -2.44 28.47 -7.47
C CYS B 23 -1.83 28.99 -8.76
N VAL B 24 -2.57 29.86 -9.43
CA VAL B 24 -2.09 30.45 -10.69
C VAL B 24 -2.21 31.97 -10.68
N LEU B 25 -1.21 32.61 -11.24
CA LEU B 25 -1.23 34.07 -11.38
C LEU B 25 -2.31 34.46 -12.37
N GLU B 26 -3.16 35.39 -11.94
CA GLU B 26 -4.23 35.91 -12.80
C GLU B 26 -3.91 37.34 -13.19
N SER B 27 -3.70 38.15 -12.17
CA SER B 27 -3.48 39.58 -12.38
C SER B 27 -2.60 40.17 -11.31
N LEU B 28 -2.03 41.31 -11.61
CA LEU B 28 -1.23 42.00 -10.62
C LEU B 28 -2.09 42.30 -9.40
N ASP B 29 -3.23 42.92 -9.62
CA ASP B 29 -4.06 43.37 -8.48
C ASP B 29 -4.48 42.22 -7.60
N SER B 30 -4.76 41.11 -8.24
CA SER B 30 -5.23 39.89 -7.55
C SER B 30 -4.11 39.32 -6.67
N THR B 31 -2.97 39.17 -7.30
CA THR B 31 -1.76 38.64 -6.63
C THR B 31 -1.37 39.47 -5.42
N LEU B 32 -1.37 40.79 -5.58
CA LEU B 32 -0.90 41.67 -4.52
C LEU B 32 -1.82 41.56 -3.32
N GLN B 33 -3.09 41.34 -3.61
CA GLN B 33 -4.10 41.28 -2.56
C GLN B 33 -3.86 40.08 -1.68
N THR B 34 -3.75 38.94 -2.34
CA THR B 34 -3.51 37.68 -1.64
C THR B 34 -2.17 37.70 -0.92
N CYS B 35 -1.17 38.23 -1.60
CA CYS B 35 0.19 38.21 -1.04
C CYS B 35 0.24 39.05 0.21
N ALA B 36 -0.46 40.18 0.18
CA ALA B 36 -0.49 41.10 1.32
C ALA B 36 -1.09 40.42 2.56
N HIS B 37 -2.15 39.64 2.34
CA HIS B 37 -2.71 38.87 3.43
C HIS B 37 -1.65 37.97 4.06
N TYR B 38 -0.95 37.17 3.26
CA TYR B 38 0.09 36.26 3.80
C TYR B 38 1.16 37.05 4.52
N VAL B 39 1.55 38.17 3.92
CA VAL B 39 2.63 38.99 4.44
C VAL B 39 2.23 39.54 5.81
N GLU B 40 0.98 39.98 5.92
CA GLU B 40 0.53 40.64 7.17
C GLU B 40 0.50 39.64 8.32
N VAL B 41 0.00 38.45 8.04
CA VAL B 41 -0.16 37.40 9.05
C VAL B 41 1.20 36.88 9.48
N THR B 42 2.07 36.63 8.52
CA THR B 42 3.41 36.11 8.83
C THR B 42 4.28 37.14 9.54
N ARG B 43 4.21 38.40 9.12
CA ARG B 43 4.97 39.48 9.79
C ARG B 43 4.51 39.65 11.24
N LYS B 44 3.22 39.46 11.43
CA LYS B 44 2.61 39.64 12.74
C LYS B 44 3.06 38.56 13.71
N LEU B 45 3.56 37.45 13.15
CA LEU B 45 3.99 36.32 13.97
C LEU B 45 5.50 36.12 13.92
N GLY B 46 6.15 36.91 13.08
CA GLY B 46 7.59 36.83 12.86
C GLY B 46 8.07 35.58 12.13
N ILE B 47 7.23 35.08 11.24
CA ILE B 47 7.54 33.87 10.46
C ILE B 47 8.06 34.26 9.07
N PRO B 48 9.23 33.75 8.70
CA PRO B 48 9.75 34.04 7.35
C PRO B 48 8.82 33.47 6.29
N TYR B 49 8.64 34.21 5.22
CA TYR B 49 7.60 33.88 4.25
C TYR B 49 8.12 34.01 2.83
N ILE B 50 7.78 33.03 2.00
CA ILE B 50 8.08 33.05 0.56
C ILE B 50 6.82 32.85 -0.25
N PHE B 51 6.53 33.78 -1.13
CA PHE B 51 5.29 33.77 -1.92
C PHE B 51 5.38 32.85 -3.14
N LYS B 52 4.35 32.01 -3.27
CA LYS B 52 4.25 30.96 -4.28
C LYS B 52 3.07 31.19 -5.22
N ALA B 53 3.36 30.97 -6.47
CA ALA B 53 2.36 30.97 -7.55
C ALA B 53 2.92 30.34 -8.81
N SER B 54 2.02 29.86 -9.65
CA SER B 54 2.41 29.39 -10.96
C SER B 54 2.02 30.43 -12.00
N PHE B 55 2.87 30.59 -13.01
CA PHE B 55 2.56 31.49 -14.15
C PHE B 55 2.11 30.68 -15.37
N ASP B 56 2.39 29.38 -15.32
CA ASP B 56 1.98 28.47 -16.41
C ASP B 56 1.88 27.04 -15.92
N LYS B 57 0.76 26.73 -15.29
CA LYS B 57 0.56 25.45 -14.62
C LYS B 57 0.14 24.38 -15.61
N ALA B 58 0.96 23.34 -15.72
CA ALA B 58 0.80 22.42 -16.83
C ALA B 58 0.10 21.13 -16.42
N ASN B 59 -0.26 21.04 -15.14
CA ASN B 59 -0.92 19.82 -14.62
C ASN B 59 -2.25 20.11 -13.91
N ARG B 60 -3.05 20.99 -14.50
CA ARG B 60 -4.38 21.29 -13.94
C ARG B 60 -5.42 20.24 -14.31
N SER B 61 -6.57 20.35 -13.68
CA SER B 61 -7.48 19.21 -13.61
C SER B 61 -8.31 19.09 -14.87
N SER B 62 -8.41 20.20 -15.59
CA SER B 62 -8.99 20.19 -16.93
CA SER B 62 -8.97 20.18 -16.92
C SER B 62 -8.02 20.80 -17.92
N ILE B 63 -8.26 20.43 -19.16
CA ILE B 63 -7.46 20.84 -20.33
CA ILE B 63 -7.36 20.88 -20.21
C ILE B 63 -7.56 22.36 -20.54
N HIS B 64 -8.72 22.90 -20.18
CA HIS B 64 -9.02 24.31 -20.43
C HIS B 64 -9.14 25.16 -19.18
N SER B 65 -8.84 24.58 -18.04
CA SER B 65 -8.54 25.37 -16.85
C SER B 65 -7.42 26.36 -17.21
N TYR B 66 -7.56 27.57 -16.70
CA TYR B 66 -6.61 28.65 -16.98
C TYR B 66 -5.25 28.26 -16.44
N ARG B 67 -4.22 28.45 -17.26
CA ARG B 67 -2.87 27.99 -16.90
C ARG B 67 -2.05 29.06 -16.24
N GLY B 68 -2.62 30.24 -16.25
CA GLY B 68 -1.98 31.41 -15.68
C GLY B 68 -1.67 32.43 -16.75
N VAL B 69 -1.16 33.56 -16.31
CA VAL B 69 -0.97 34.74 -17.17
C VAL B 69 0.16 34.59 -18.16
N GLY B 70 0.99 33.58 -17.92
CA GLY B 70 2.11 33.25 -18.82
C GLY B 70 3.43 33.84 -18.35
N LEU B 71 4.49 33.51 -19.07
CA LEU B 71 5.85 33.78 -18.61
CA LEU B 71 5.86 33.79 -18.64
C LEU B 71 6.11 35.28 -18.53
N GLU B 72 5.81 36.00 -19.60
CA GLU B 72 6.21 37.41 -19.65
C GLU B 72 5.52 38.26 -18.58
N GLU B 73 4.20 38.15 -18.51
CA GLU B 73 3.42 38.92 -17.53
C GLU B 73 3.65 38.38 -16.12
N GLY B 74 3.80 37.07 -16.02
CA GLY B 74 4.01 36.43 -14.72
C GLY B 74 5.23 36.98 -14.02
N LEU B 75 6.30 37.09 -14.79
CA LEU B 75 7.59 37.56 -14.26
C LEU B 75 7.51 39.02 -13.90
N LYS B 76 6.73 39.79 -14.67
CA LYS B 76 6.45 41.18 -14.30
C LYS B 76 5.70 41.31 -12.98
N ILE B 77 4.77 40.40 -12.75
CA ILE B 77 4.01 40.33 -11.49
C ILE B 77 4.89 39.93 -10.32
N PHE B 78 5.77 38.96 -10.56
CA PHE B 78 6.67 38.49 -9.52
C PHE B 78 7.61 39.64 -9.17
N GLU B 79 8.09 40.35 -10.17
CA GLU B 79 9.00 41.50 -9.91
C GLU B 79 8.33 42.49 -8.96
N LYS B 80 7.08 42.76 -9.25
CA LYS B 80 6.32 43.72 -8.46
C LYS B 80 6.05 43.23 -7.05
N VAL B 81 5.85 41.92 -6.91
CA VAL B 81 5.63 41.34 -5.56
C VAL B 81 6.90 41.52 -4.72
N LYS B 82 8.03 41.29 -5.36
CA LYS B 82 9.33 41.37 -4.68
CA LYS B 82 9.33 41.37 -4.69
C LYS B 82 9.62 42.80 -4.24
N ALA B 83 9.24 43.74 -5.08
CA ALA B 83 9.56 45.14 -4.87
C ALA B 83 8.66 45.72 -3.79
N GLU B 84 7.43 45.25 -3.78
CA GLU B 84 6.40 45.83 -2.92
C GLU B 84 6.60 45.32 -1.50
N PHE B 85 6.89 44.03 -1.38
CA PHE B 85 6.92 43.37 -0.07
C PHE B 85 8.31 43.03 0.49
N GLY B 86 9.30 43.03 -0.38
CA GLY B 86 10.69 42.69 -0.01
C GLY B 86 10.91 41.23 0.36
N ILE B 87 10.05 40.37 -0.15
CA ILE B 87 10.09 38.91 0.13
C ILE B 87 10.59 38.14 -1.09
N PRO B 88 11.11 36.91 -0.89
CA PRO B 88 11.39 36.03 -2.03
C PRO B 88 10.14 35.38 -2.58
N VAL B 89 10.24 34.86 -3.79
CA VAL B 89 9.15 34.17 -4.47
C VAL B 89 9.62 32.83 -5.04
N ILE B 90 8.65 31.97 -5.28
CA ILE B 90 8.91 30.63 -5.79
C ILE B 90 7.86 30.30 -6.84
N THR B 91 8.32 29.71 -7.92
CA THR B 91 7.44 29.29 -9.02
C THR B 91 7.98 28.05 -9.72
N ASP B 92 7.03 27.29 -10.24
CA ASP B 92 7.34 26.06 -10.97
C ASP B 92 7.69 26.35 -12.42
N VAL B 93 8.58 25.52 -12.95
CA VAL B 93 8.84 25.52 -14.37
C VAL B 93 8.68 24.11 -14.89
N HIS B 94 8.21 23.98 -16.12
CA HIS B 94 8.02 22.66 -16.70
C HIS B 94 8.68 22.49 -18.06
N GLU B 95 9.26 23.57 -18.57
CA GLU B 95 10.08 23.49 -19.78
C GLU B 95 11.49 24.01 -19.53
N PRO B 96 12.50 23.30 -20.06
CA PRO B 96 13.90 23.65 -19.95
C PRO B 96 14.16 25.07 -20.38
N HIS B 97 13.50 25.50 -21.44
CA HIS B 97 13.78 26.81 -22.04
C HIS B 97 13.26 27.95 -21.17
N GLN B 98 12.42 27.62 -20.22
CA GLN B 98 11.82 28.64 -19.34
C GLN B 98 12.76 29.03 -18.22
N CYS B 99 13.65 28.11 -17.91
CA CYS B 99 14.38 28.13 -16.65
C CYS B 99 15.17 29.41 -16.49
N GLN B 100 15.95 29.75 -17.50
CA GLN B 100 16.83 30.91 -17.39
C GLN B 100 16.04 32.21 -17.12
N PRO B 101 15.05 32.54 -17.97
CA PRO B 101 14.37 33.81 -17.75
C PRO B 101 13.58 33.85 -16.45
N VAL B 102 13.09 32.70 -16.01
CA VAL B 102 12.36 32.63 -14.73
C VAL B 102 13.32 32.90 -13.59
N ALA B 103 14.52 32.36 -13.72
CA ALA B 103 15.52 32.43 -12.65
C ALA B 103 16.06 33.85 -12.50
N GLU B 104 15.81 34.70 -13.50
CA GLU B 104 16.24 36.10 -13.41
C GLU B 104 15.49 36.80 -12.34
N VAL B 105 14.29 36.29 -12.06
CA VAL B 105 13.37 37.00 -11.20
C VAL B 105 13.04 36.20 -9.94
N CYS B 106 12.71 34.94 -10.15
CA CYS B 106 12.22 34.07 -9.09
C CYS B 106 13.39 33.46 -8.29
N ASP B 107 13.35 33.74 -7.00
CA ASP B 107 14.40 33.31 -6.05
C ASP B 107 14.51 31.80 -6.00
N VAL B 108 13.35 31.17 -5.95
CA VAL B 108 13.28 29.70 -5.95
C VAL B 108 12.50 29.19 -7.14
N ILE B 109 13.09 28.18 -7.78
N ILE B 109 13.12 28.27 -7.87
CA ILE B 109 12.46 27.49 -8.90
CA ILE B 109 12.40 27.55 -8.92
C ILE B 109 12.16 26.04 -8.57
C ILE B 109 12.07 26.15 -8.43
N GLN B 110 10.92 25.66 -8.87
CA GLN B 110 10.37 24.38 -8.37
C GLN B 110 10.20 23.38 -9.49
N LEU B 111 10.73 22.18 -9.23
CA LEU B 111 10.62 21.03 -10.11
C LEU B 111 9.35 20.24 -9.81
N PRO B 112 8.39 20.25 -10.73
CA PRO B 112 7.16 19.54 -10.35
C PRO B 112 7.39 18.05 -10.19
N ALA B 113 6.59 17.44 -9.33
CA ALA B 113 6.80 16.04 -8.95
C ALA B 113 6.81 15.18 -10.21
N PHE B 114 5.89 15.44 -11.14
CA PHE B 114 5.75 14.61 -12.34
C PHE B 114 6.94 14.70 -13.30
N LEU B 115 7.82 15.68 -13.08
CA LEU B 115 8.99 15.83 -13.95
C LEU B 115 10.28 15.56 -13.19
N ALA B 116 10.15 15.00 -12.00
CA ALA B 116 11.29 14.95 -11.07
C ALA B 116 12.40 14.08 -11.60
N ARG B 117 12.05 13.16 -12.51
CA ARG B 117 13.04 12.24 -13.10
C ARG B 117 13.47 12.66 -14.49
N GLN B 118 12.92 13.78 -14.94
CA GLN B 118 13.20 14.28 -16.30
C GLN B 118 14.55 15.02 -16.38
N THR B 119 15.55 14.31 -16.89
CA THR B 119 16.94 14.75 -16.85
C THR B 119 17.17 16.12 -17.50
N ASP B 120 16.42 16.40 -18.56
CA ASP B 120 16.65 17.63 -19.34
C ASP B 120 16.23 18.86 -18.54
N LEU B 121 15.14 18.70 -17.80
CA LEU B 121 14.62 19.80 -16.98
C LEU B 121 15.53 19.98 -15.78
N VAL B 122 15.93 18.86 -15.19
CA VAL B 122 16.85 18.87 -14.05
C VAL B 122 18.14 19.62 -14.40
N VAL B 123 18.67 19.32 -15.57
CA VAL B 123 19.92 19.98 -16.00
C VAL B 123 19.72 21.48 -16.24
N ALA B 124 18.59 21.80 -16.85
CA ALA B 124 18.30 23.21 -17.21
C ALA B 124 18.02 24.03 -15.95
N MET B 125 17.41 23.37 -14.99
CA MET B 125 17.18 24.01 -13.70
C MET B 125 18.46 24.22 -12.92
N ALA B 126 19.28 23.19 -12.90
CA ALA B 126 20.56 23.24 -12.20
C ALA B 126 21.41 24.40 -12.71
N LYS B 127 21.39 24.55 -14.02
CA LYS B 127 22.31 25.47 -14.68
CA LYS B 127 22.29 25.47 -14.69
C LYS B 127 21.96 26.93 -14.38
N THR B 128 20.77 27.17 -13.83
CA THR B 128 20.39 28.54 -13.46
C THR B 128 21.21 29.01 -12.29
N GLY B 129 21.65 28.06 -11.47
CA GLY B 129 22.35 28.36 -10.22
C GLY B 129 21.44 28.86 -9.08
N ASN B 130 20.16 28.95 -9.37
CA ASN B 130 19.15 29.28 -8.36
C ASN B 130 18.91 28.18 -7.35
N VAL B 131 18.28 28.56 -6.26
CA VAL B 131 17.76 27.60 -5.27
C VAL B 131 16.63 26.85 -5.95
N VAL B 132 16.58 25.54 -5.72
CA VAL B 132 15.60 24.65 -6.38
C VAL B 132 14.79 23.90 -5.35
N ASN B 133 13.48 23.85 -5.56
CA ASN B 133 12.60 23.03 -4.72
C ASN B 133 12.16 21.77 -5.47
N ILE B 134 12.63 20.63 -4.97
CA ILE B 134 12.36 19.33 -5.58
C ILE B 134 11.13 18.70 -4.95
N LYS B 135 10.04 18.63 -5.70
CA LYS B 135 8.82 17.98 -5.21
C LYS B 135 8.92 16.48 -5.37
N LYS B 136 8.72 15.78 -4.26
CA LYS B 136 8.90 14.34 -4.17
C LYS B 136 7.65 13.65 -4.70
N PRO B 137 7.80 12.82 -5.73
CA PRO B 137 6.61 12.16 -6.24
C PRO B 137 6.04 11.19 -5.24
N GLN B 138 4.75 10.94 -5.36
CA GLN B 138 4.06 10.09 -4.41
C GLN B 138 4.42 8.64 -4.60
N PHE B 139 5.04 8.34 -5.73
CA PHE B 139 5.46 6.97 -6.03
C PHE B 139 6.92 6.71 -5.70
N LEU B 140 7.61 7.71 -5.16
CA LEU B 140 9.07 7.61 -4.99
C LEU B 140 9.40 7.42 -3.53
N SER B 141 10.20 6.39 -3.24
CA SER B 141 10.64 6.13 -1.86
C SER B 141 11.60 7.20 -1.40
N PRO B 142 11.64 7.48 -0.10
CA PRO B 142 12.47 8.54 0.38
C PRO B 142 13.94 8.27 0.14
N SER B 143 14.31 7.01 0.04
CA SER B 143 15.72 6.66 -0.25
C SER B 143 16.08 6.81 -1.73
N GLN B 144 15.11 7.16 -2.55
CA GLN B 144 15.38 7.43 -3.98
C GLN B 144 15.67 8.90 -4.22
N MET B 145 15.38 9.75 -3.24
CA MET B 145 15.56 11.21 -3.46
C MET B 145 17.03 11.56 -3.69
N LYS B 146 17.90 10.73 -3.14
CA LYS B 146 19.34 10.91 -3.30
C LYS B 146 19.78 10.88 -4.77
N ASN B 147 19.06 10.13 -5.59
CA ASN B 147 19.37 10.01 -7.03
C ASN B 147 19.10 11.30 -7.77
N ILE B 148 18.02 11.96 -7.38
CA ILE B 148 17.68 13.24 -7.98
C ILE B 148 18.74 14.26 -7.55
N VAL B 149 19.06 14.23 -6.28
CA VAL B 149 20.04 15.16 -5.70
C VAL B 149 21.38 15.06 -6.44
N GLU B 150 21.73 13.82 -6.75
CA GLU B 150 22.98 13.49 -7.43
CA GLU B 150 22.99 13.50 -7.41
C GLU B 150 23.02 14.10 -8.82
N LYS B 151 21.87 14.04 -9.50
CA LYS B 151 21.77 14.57 -10.87
C LYS B 151 21.97 16.09 -10.83
N PHE B 152 21.36 16.73 -9.84
CA PHE B 152 21.54 18.17 -9.66
C PHE B 152 22.99 18.49 -9.37
N HIS B 153 23.60 17.65 -8.53
CA HIS B 153 25.01 17.87 -8.11
C HIS B 153 25.94 17.75 -9.31
N GLU B 154 25.68 16.76 -10.13
CA GLU B 154 26.44 16.51 -11.37
C GLU B 154 26.36 17.69 -12.29
N ALA B 155 25.23 18.37 -12.24
CA ALA B 155 24.93 19.50 -13.14
C ALA B 155 25.37 20.87 -12.55
N GLY B 156 25.87 20.82 -11.33
CA GLY B 156 26.59 21.94 -10.74
C GLY B 156 25.81 22.74 -9.70
N ASN B 157 24.70 22.20 -9.22
CA ASN B 157 23.86 22.96 -8.27
C ASN B 157 23.49 22.08 -7.06
N GLY B 158 23.86 22.56 -5.87
CA GLY B 158 23.55 21.87 -4.61
C GLY B 158 22.66 22.65 -3.66
N LYS B 159 22.10 23.74 -4.19
CA LYS B 159 21.14 24.57 -3.42
C LYS B 159 19.73 24.04 -3.56
N LEU B 160 19.50 22.92 -2.90
CA LEU B 160 18.33 22.08 -3.15
C LEU B 160 17.49 21.95 -1.90
N ILE B 161 16.17 22.01 -2.11
CA ILE B 161 15.18 21.80 -1.08
C ILE B 161 14.43 20.53 -1.45
N LEU B 162 14.14 19.71 -0.46
CA LEU B 162 13.33 18.50 -0.70
C LEU B 162 11.94 18.69 -0.13
N CYS B 163 10.90 18.45 -0.94
CA CYS B 163 9.54 18.78 -0.53
C CYS B 163 8.65 17.53 -0.52
N GLU B 164 8.36 17.10 0.69
CA GLU B 164 7.47 15.96 0.97
C GLU B 164 6.04 16.28 0.56
N ARG B 165 5.42 15.30 -0.10
CA ARG B 165 4.05 15.44 -0.55
C ARG B 165 3.15 14.24 -0.24
N GLY B 166 3.68 13.26 0.47
CA GLY B 166 2.97 11.99 0.76
C GLY B 166 3.27 10.89 -0.24
N SER B 167 2.74 9.71 0.05
CA SER B 167 3.09 8.47 -0.66
C SER B 167 1.83 7.68 -0.97
N SER B 168 1.80 7.13 -2.16
CA SER B 168 0.69 6.28 -2.61
C SER B 168 0.44 5.20 -1.59
N PHE B 169 -0.82 5.08 -1.19
CA PHE B 169 -1.21 4.12 -0.16
C PHE B 169 -2.44 3.38 -0.61
N GLY B 170 -2.23 2.24 -1.25
CA GLY B 170 -3.31 1.59 -2.02
C GLY B 170 -3.81 2.45 -3.15
N TYR B 171 -5.11 2.45 -3.33
CA TYR B 171 -5.74 3.28 -4.37
C TYR B 171 -6.15 4.64 -3.81
N ASP B 172 -5.79 5.65 -4.57
CA ASP B 172 -6.24 7.04 -4.36
C ASP B 172 -5.65 7.72 -3.10
N ASN B 173 -5.71 7.02 -1.98
CA ASN B 173 -5.29 7.60 -0.69
C ASN B 173 -3.78 7.87 -0.67
N LEU B 174 -3.42 8.95 0.02
CA LEU B 174 -2.01 9.20 0.32
C LEU B 174 -1.77 9.18 1.81
N VAL B 175 -0.63 8.63 2.17
CA VAL B 175 -0.18 8.61 3.54
CA VAL B 175 -0.19 8.65 3.55
C VAL B 175 1.19 9.29 3.61
N VAL B 176 1.41 10.08 4.64
CA VAL B 176 2.75 10.69 4.88
C VAL B 176 3.53 9.88 5.89
N ASP B 177 4.65 9.31 5.43
CA ASP B 177 5.54 8.56 6.32
C ASP B 177 6.43 9.52 7.07
N MET B 178 6.23 9.56 8.38
CA MET B 178 6.91 10.53 9.24
C MET B 178 8.36 10.18 9.36
N LEU B 179 8.68 8.94 9.04
CA LEU B 179 10.05 8.47 9.06
C LEU B 179 10.81 8.84 7.82
N GLY B 180 10.08 9.15 6.77
CA GLY B 180 10.69 9.48 5.48
C GLY B 180 11.55 10.73 5.52
N PHE B 181 11.15 11.65 6.37
CA PHE B 181 11.89 12.92 6.57
C PHE B 181 13.34 12.66 6.99
N GLY B 182 13.47 11.80 8.00
CA GLY B 182 14.78 11.42 8.54
C GLY B 182 15.62 10.71 7.49
N VAL B 183 14.95 9.87 6.70
CA VAL B 183 15.64 9.09 5.66
C VAL B 183 16.21 10.07 4.65
N MET B 184 15.41 11.08 4.30
CA MET B 184 15.86 12.07 3.34
C MET B 184 17.06 12.89 3.87
N LYS B 185 16.95 13.32 5.12
CA LYS B 185 18.05 14.01 5.77
C LYS B 185 19.33 13.18 5.75
N GLN B 186 19.22 11.95 6.22
CA GLN B 186 20.39 11.06 6.32
C GLN B 186 21.09 10.79 4.99
N THR B 187 20.30 10.65 3.93
CA THR B 187 20.83 10.16 2.66
C THR B 187 21.17 11.31 1.71
N CYS B 188 20.68 12.49 2.02
CA CYS B 188 20.80 13.63 1.10
C CYS B 188 21.56 14.80 1.68
N GLY B 189 22.39 14.51 2.66
CA GLY B 189 23.30 15.50 3.19
C GLY B 189 22.64 16.62 3.99
N ASN B 190 21.54 16.28 4.66
CA ASN B 190 20.83 17.22 5.54
C ASN B 190 20.48 18.53 4.84
N LEU B 191 20.12 18.38 3.58
CA LEU B 191 19.49 19.45 2.81
C LEU B 191 18.19 19.83 3.49
N PRO B 192 17.76 21.08 3.33
CA PRO B 192 16.46 21.49 3.84
C PRO B 192 15.31 20.66 3.30
N VAL B 193 14.49 20.22 4.22
CA VAL B 193 13.32 19.44 3.90
C VAL B 193 12.12 20.23 4.36
N ILE B 194 11.17 20.39 3.46
CA ILE B 194 9.90 21.06 3.74
C ILE B 194 8.76 20.10 3.46
N PHE B 195 7.61 20.45 4.05
CA PHE B 195 6.42 19.60 4.03
C PHE B 195 5.23 20.31 3.37
N ASP B 196 4.85 19.78 2.22
CA ASP B 196 3.65 20.21 1.50
C ASP B 196 2.46 19.43 2.00
N VAL B 197 1.83 20.00 3.02
CA VAL B 197 0.78 19.31 3.76
CA VAL B 197 0.75 19.32 3.76
C VAL B 197 -0.49 19.21 2.91
N THR B 198 -0.71 20.22 2.09
CA THR B 198 -1.97 20.31 1.36
C THR B 198 -2.16 19.21 0.35
N HIS B 199 -1.13 18.96 -0.43
CA HIS B 199 -1.26 17.93 -1.46
C HIS B 199 -1.46 16.60 -0.81
N SER B 200 -0.72 16.49 0.28
CA SER B 200 -0.51 15.25 0.97
C SER B 200 -1.82 14.68 1.35
N LEU B 201 -2.82 15.55 1.27
CA LEU B 201 -4.10 15.26 1.84
C LEU B 201 -4.82 14.34 0.88
N GLN B 202 -5.45 14.90 -0.14
CA GLN B 202 -6.74 14.36 -0.65
C GLN B 202 -6.81 12.86 -1.02
N GLY B 212 -13.95 20.23 12.85
CA GLY B 212 -12.66 20.22 12.16
C GLY B 212 -12.77 20.38 10.66
N GLY B 213 -13.10 19.27 10.01
CA GLY B 213 -13.10 19.18 8.55
C GLY B 213 -11.70 19.03 7.98
N ARG B 214 -11.49 19.65 6.83
CA ARG B 214 -10.20 19.63 6.14
C ARG B 214 -9.17 20.38 6.96
N ARG B 215 -9.67 21.36 7.70
CA ARG B 215 -8.81 22.26 8.48
C ARG B 215 -8.20 21.52 9.65
N ALA B 216 -9.03 20.74 10.31
CA ALA B 216 -8.59 20.02 11.53
C ALA B 216 -7.52 19.04 11.14
N GLN B 217 -7.72 18.47 9.96
CA GLN B 217 -6.78 17.46 9.42
C GLN B 217 -5.45 18.09 9.10
N ALA B 218 -5.53 19.18 8.35
CA ALA B 218 -4.31 19.86 7.92
C ALA B 218 -3.48 20.24 9.14
N LEU B 219 -4.17 20.58 10.24
CA LEU B 219 -3.50 20.98 11.45
C LEU B 219 -2.73 19.80 12.05
N ASP B 220 -3.43 18.69 12.22
CA ASP B 220 -2.82 17.51 12.84
C ASP B 220 -1.62 17.06 12.01
N LEU B 221 -1.83 16.98 10.72
CA LEU B 221 -0.81 16.48 9.81
C LEU B 221 0.40 17.43 9.76
N ALA B 222 0.15 18.74 9.74
CA ALA B 222 1.25 19.69 9.74
C ALA B 222 2.06 19.60 11.01
N LEU B 223 1.37 19.52 12.14
CA LEU B 223 2.02 19.51 13.45
C LEU B 223 2.89 18.26 13.55
N ALA B 224 2.36 17.14 13.08
CA ALA B 224 3.06 15.84 13.10
C ALA B 224 4.37 15.90 12.30
N GLY B 225 4.29 16.45 11.12
CA GLY B 225 5.48 16.58 10.27
C GLY B 225 6.52 17.49 10.89
N MET B 226 6.06 18.64 11.38
CA MET B 226 6.96 19.66 11.93
C MET B 226 7.60 19.23 13.24
N ALA B 227 6.97 18.25 13.90
CA ALA B 227 7.55 17.65 15.09
C ALA B 227 8.83 16.88 14.82
N THR B 228 9.06 16.57 13.56
CA THR B 228 10.25 15.82 13.12
C THR B 228 11.45 16.71 12.77
N ARG B 229 11.22 18.02 12.89
CA ARG B 229 12.25 19.07 12.75
C ARG B 229 12.60 19.38 11.29
N LEU B 230 11.81 20.30 10.73
CA LEU B 230 11.81 20.56 9.29
C LEU B 230 12.07 22.03 9.00
N ALA B 231 12.62 22.29 7.83
CA ALA B 231 12.96 23.67 7.43
C ALA B 231 11.76 24.54 7.10
N GLY B 232 10.66 23.91 6.73
CA GLY B 232 9.48 24.68 6.36
C GLY B 232 8.24 23.89 6.10
N LEU B 233 7.21 24.66 5.87
CA LEU B 233 5.86 24.18 5.62
C LEU B 233 5.39 24.84 4.35
N PHE B 234 4.77 24.01 3.52
CA PHE B 234 4.33 24.35 2.18
C PHE B 234 2.84 24.14 2.07
N LEU B 235 2.16 25.21 1.68
CA LEU B 235 0.69 25.24 1.55
C LEU B 235 0.22 25.49 0.11
N GLU B 236 -0.62 24.58 -0.37
CA GLU B 236 -1.41 24.75 -1.62
C GLU B 236 -2.83 25.31 -1.35
N SER B 237 -3.65 25.38 -2.39
CA SER B 237 -5.08 25.72 -2.20
C SER B 237 -5.72 24.88 -1.09
N HIS B 255 -8.40 35.39 12.32
CA HIS B 255 -9.03 34.32 11.57
C HIS B 255 -8.05 33.17 11.26
N LEU B 256 -8.33 32.46 10.17
CA LEU B 256 -8.04 31.03 10.10
C LEU B 256 -6.53 30.73 9.91
N LEU B 257 -5.92 31.47 9.01
CA LEU B 257 -4.49 31.28 8.72
C LEU B 257 -3.69 31.65 9.96
N GLU B 258 -4.09 32.74 10.61
CA GLU B 258 -3.40 33.14 11.83
C GLU B 258 -3.40 32.04 12.90
N ASP B 259 -4.56 31.43 13.13
CA ASP B 259 -4.73 30.49 14.24
C ASP B 259 -3.90 29.23 14.00
N PHE B 260 -3.86 28.87 12.74
CA PHE B 260 -3.09 27.73 12.26
C PHE B 260 -1.60 27.98 12.49
N LEU B 261 -1.12 29.09 11.95
CA LEU B 261 0.31 29.47 12.07
C LEU B 261 0.75 29.66 13.50
N ILE B 262 -0.16 30.08 14.37
CA ILE B 262 0.22 30.26 15.79
C ILE B 262 0.59 28.89 16.36
N ARG B 263 -0.17 27.89 15.93
CA ARG B 263 0.00 26.54 16.46
C ARG B 263 1.27 25.92 15.95
N ILE B 264 1.52 26.13 14.66
CA ILE B 264 2.73 25.58 14.02
C ILE B 264 3.99 26.22 14.63
N LYS B 265 3.98 27.54 14.75
CA LYS B 265 5.10 28.26 15.35
C LYS B 265 5.38 27.82 16.79
N ALA B 266 4.34 27.57 17.57
CA ALA B 266 4.57 27.16 18.96
C ALA B 266 5.40 25.86 18.97
N LEU B 267 4.91 24.89 18.22
CA LEU B 267 5.58 23.57 18.10
CA LEU B 267 5.59 23.57 18.12
C LEU B 267 6.99 23.73 17.52
N ASP B 268 7.07 24.52 16.47
CA ASP B 268 8.37 24.69 15.82
C ASP B 268 9.37 25.33 16.76
N ASP B 269 8.93 26.33 17.52
CA ASP B 269 9.83 27.01 18.44
C ASP B 269 10.33 26.06 19.52
N LEU B 270 9.42 25.30 20.07
CA LEU B 270 9.76 24.28 21.05
C LEU B 270 10.79 23.26 20.54
N ILE B 271 10.49 22.69 19.39
CA ILE B 271 11.37 21.67 18.78
C ILE B 271 12.76 22.17 18.46
N LYS B 272 12.82 23.35 17.87
CA LYS B 272 14.07 23.91 17.33
C LYS B 272 14.98 24.37 18.46
N SER B 273 14.37 24.59 19.61
CA SER B 273 15.09 25.17 20.76
C SER B 273 15.76 24.09 21.58
N GLN B 274 15.50 22.85 21.22
CA GLN B 274 16.13 21.71 21.89
C GLN B 274 17.21 21.12 20.99
N PRO B 275 18.36 20.74 21.57
CA PRO B 275 19.38 20.10 20.74
C PRO B 275 18.97 18.71 20.35
N ILE B 276 19.60 18.21 19.29
CA ILE B 276 19.36 16.84 18.79
C ILE B 276 19.86 15.81 19.79
N LEU B 277 19.26 14.62 19.77
CA LEU B 277 19.64 13.53 20.70
C LEU B 277 21.16 13.43 20.89
N THR B 278 21.56 13.13 22.11
CA THR B 278 22.97 12.92 22.46
C THR B 278 23.47 11.59 21.94
N ILE B 279 24.48 11.67 21.08
CA ILE B 279 25.06 10.50 20.42
C ILE B 279 26.59 10.52 20.52
N MET C 1 5.32 -31.25 -4.75
CA MET C 1 4.93 -32.37 -3.83
C MET C 1 3.42 -32.49 -3.84
N ASP C 2 2.94 -33.69 -4.10
CA ASP C 2 1.49 -33.97 -4.11
C ASP C 2 1.02 -34.48 -2.76
N ILE C 3 -0.27 -34.28 -2.54
CA ILE C 3 -0.93 -34.85 -1.36
C ILE C 3 -2.13 -35.69 -1.76
N LYS C 4 -2.20 -36.92 -1.21
CA LYS C 4 -3.39 -37.78 -1.39
C LYS C 4 -4.41 -37.51 -0.32
N ILE C 5 -5.60 -37.18 -0.76
CA ILE C 5 -6.74 -37.00 0.12
C ILE C 5 -7.82 -38.01 -0.31
N ASN C 6 -7.83 -39.13 0.38
CA ASN C 6 -8.57 -40.28 -0.11
C ASN C 6 -8.17 -40.62 -1.52
N ASP C 7 -9.11 -40.53 -2.44
CA ASP C 7 -8.83 -40.92 -3.83
C ASP C 7 -8.47 -39.72 -4.70
N ILE C 8 -8.32 -38.56 -4.07
CA ILE C 8 -7.98 -37.32 -4.81
C ILE C 8 -6.47 -37.05 -4.76
N THR C 9 -5.87 -36.72 -5.91
CA THR C 9 -4.49 -36.22 -5.95
C THR C 9 -4.48 -34.72 -6.06
N LEU C 10 -3.99 -34.08 -5.00
CA LEU C 10 -3.83 -32.61 -4.92
C LEU C 10 -2.38 -32.20 -5.16
N GLY C 11 -2.19 -31.40 -6.18
CA GLY C 11 -0.86 -30.93 -6.50
C GLY C 11 -0.87 -29.86 -7.56
N ASN C 12 0.20 -29.09 -7.57
CA ASN C 12 0.34 -27.96 -8.50
C ASN C 12 0.44 -28.35 -9.97
N ASN C 13 0.68 -29.62 -10.25
CA ASN C 13 0.66 -30.06 -11.64
C ASN C 13 -0.44 -31.05 -11.94
N SER C 14 -1.42 -31.10 -11.05
CA SER C 14 -2.56 -31.99 -11.22
C SER C 14 -3.83 -31.24 -11.60
N PRO C 15 -4.85 -31.97 -12.09
CA PRO C 15 -6.13 -31.25 -12.33
C PRO C 15 -6.63 -30.63 -11.05
N PHE C 16 -7.07 -29.39 -11.18
CA PHE C 16 -7.47 -28.60 -10.02
C PHE C 16 -8.58 -29.28 -9.23
N VAL C 17 -8.46 -29.14 -7.91
CA VAL C 17 -9.47 -29.59 -6.95
C VAL C 17 -10.28 -28.40 -6.44
N LEU C 18 -11.60 -28.55 -6.44
CA LEU C 18 -12.48 -27.52 -5.86
C LEU C 18 -12.73 -27.80 -4.39
N PHE C 19 -12.44 -26.77 -3.59
CA PHE C 19 -12.78 -26.72 -2.18
C PHE C 19 -13.94 -25.74 -2.09
N GLY C 20 -15.13 -26.26 -1.89
CA GLY C 20 -16.30 -25.44 -2.01
C GLY C 20 -17.36 -25.85 -1.06
N GLY C 21 -18.11 -24.85 -0.66
CA GLY C 21 -19.21 -25.08 0.22
C GLY C 21 -19.67 -23.75 0.74
N ILE C 22 -19.82 -23.71 2.05
CA ILE C 22 -20.54 -22.62 2.71
C ILE C 22 -19.74 -22.07 3.85
N CYS C 23 -20.22 -20.93 4.34
CA CYS C 23 -19.54 -20.26 5.43
C CYS C 23 -19.64 -21.06 6.72
N VAL C 24 -20.85 -21.10 7.22
CA VAL C 24 -21.17 -21.59 8.57
C VAL C 24 -22.21 -22.68 8.48
N LEU C 25 -21.94 -23.81 9.12
CA LEU C 25 -22.95 -24.84 9.28
C LEU C 25 -24.05 -24.32 10.20
N GLU C 26 -25.26 -24.27 9.68
CA GLU C 26 -26.41 -23.70 10.41
C GLU C 26 -27.54 -24.68 10.53
N SER C 27 -27.42 -25.76 9.78
CA SER C 27 -28.54 -26.68 9.55
C SER C 27 -28.05 -27.98 8.94
N LEU C 28 -28.86 -29.03 9.03
CA LEU C 28 -28.49 -30.28 8.40
C LEU C 28 -29.00 -30.35 6.97
N ASP C 29 -30.30 -30.19 6.86
CA ASP C 29 -30.99 -30.40 5.59
C ASP C 29 -30.48 -29.46 4.49
N SER C 30 -30.18 -28.23 4.89
CA SER C 30 -29.78 -27.22 3.92
C SER C 30 -28.34 -27.48 3.49
N THR C 31 -27.54 -27.92 4.44
CA THR C 31 -26.15 -28.26 4.16
C THR C 31 -26.08 -29.37 3.14
N LEU C 32 -26.89 -30.39 3.37
CA LEU C 32 -26.93 -31.56 2.48
C LEU C 32 -27.37 -31.16 1.07
N GLN C 33 -28.33 -30.24 1.00
CA GLN C 33 -28.85 -29.75 -0.29
C GLN C 33 -27.80 -29.01 -1.08
N THR C 34 -27.08 -28.16 -0.36
CA THR C 34 -26.01 -27.37 -0.98
C THR C 34 -24.89 -28.27 -1.43
N CYS C 35 -24.50 -29.17 -0.54
CA CYS C 35 -23.49 -30.18 -0.88
C CYS C 35 -23.91 -31.01 -2.09
N ALA C 36 -25.18 -31.41 -2.13
CA ALA C 36 -25.69 -32.22 -3.24
C ALA C 36 -25.43 -31.51 -4.57
N HIS C 37 -25.65 -30.21 -4.56
CA HIS C 37 -25.53 -29.43 -5.78
C HIS C 37 -24.06 -29.35 -6.23
N TYR C 38 -23.15 -29.14 -5.29
CA TYR C 38 -21.72 -29.13 -5.64
C TYR C 38 -21.33 -30.50 -6.18
N VAL C 39 -21.88 -31.55 -5.57
CA VAL C 39 -21.47 -32.90 -5.92
C VAL C 39 -21.94 -33.22 -7.34
N GLU C 40 -23.17 -32.85 -7.61
CA GLU C 40 -23.77 -33.18 -8.91
C GLU C 40 -23.02 -32.47 -10.05
N VAL C 41 -22.72 -31.21 -9.82
CA VAL C 41 -22.05 -30.37 -10.84
C VAL C 41 -20.59 -30.78 -11.06
N THR C 42 -19.87 -31.00 -9.95
CA THR C 42 -18.49 -31.50 -10.05
C THR C 42 -18.39 -32.92 -10.64
N ARG C 43 -19.29 -33.81 -10.25
CA ARG C 43 -19.25 -35.14 -10.82
C ARG C 43 -19.46 -35.09 -12.33
N LYS C 44 -20.39 -34.25 -12.73
CA LYS C 44 -20.78 -34.13 -14.13
C LYS C 44 -19.59 -33.67 -14.99
N LEU C 45 -18.70 -32.93 -14.38
CA LEU C 45 -17.57 -32.31 -15.09
C LEU C 45 -16.26 -33.03 -14.80
N GLY C 46 -16.34 -33.95 -13.86
CA GLY C 46 -15.19 -34.77 -13.46
C GLY C 46 -14.15 -34.01 -12.66
N ILE C 47 -14.62 -33.00 -11.94
CA ILE C 47 -13.74 -32.18 -11.08
C ILE C 47 -13.73 -32.73 -9.66
N PRO C 48 -12.53 -33.00 -9.11
CA PRO C 48 -12.44 -33.46 -7.73
C PRO C 48 -12.91 -32.38 -6.77
N TYR C 49 -13.57 -32.82 -5.72
CA TYR C 49 -14.37 -31.92 -4.91
C TYR C 49 -14.34 -32.27 -3.43
N ILE C 50 -14.05 -31.23 -2.65
CA ILE C 50 -14.02 -31.30 -1.18
C ILE C 50 -14.95 -30.26 -0.60
N PHE C 51 -15.88 -30.74 0.22
CA PHE C 51 -16.90 -29.89 0.86
C PHE C 51 -16.32 -29.15 2.06
N LYS C 52 -16.57 -27.83 2.06
CA LYS C 52 -16.07 -26.93 3.06
CA LYS C 52 -16.08 -26.91 3.05
C LYS C 52 -17.22 -26.27 3.80
N ALA C 53 -17.04 -26.22 5.11
CA ALA C 53 -17.87 -25.43 6.05
C ALA C 53 -17.13 -25.22 7.36
N SER C 54 -17.56 -24.20 8.07
CA SER C 54 -17.15 -23.95 9.44
CA SER C 54 -17.16 -23.98 9.44
C SER C 54 -18.28 -24.34 10.38
N PHE C 55 -17.93 -24.92 11.51
CA PHE C 55 -18.89 -25.25 12.55
C PHE C 55 -18.91 -24.20 13.66
N ASP C 56 -17.97 -23.26 13.58
CA ASP C 56 -17.68 -22.34 14.71
C ASP C 56 -17.02 -21.08 14.20
N LYS C 57 -17.87 -20.15 13.74
CA LYS C 57 -17.41 -18.98 12.98
C LYS C 57 -16.91 -17.92 13.95
N ALA C 58 -15.67 -17.50 13.71
CA ALA C 58 -14.86 -16.82 14.73
C ALA C 58 -15.24 -15.35 14.79
N ASN C 59 -15.16 -14.74 13.62
CA ASN C 59 -15.42 -13.31 13.44
C ASN C 59 -16.81 -13.09 12.90
N ARG C 60 -17.72 -12.84 13.82
CA ARG C 60 -19.12 -12.63 13.49
C ARG C 60 -19.34 -11.14 13.25
N SER C 61 -20.34 -10.85 12.43
CA SER C 61 -20.77 -9.46 12.17
C SER C 61 -21.22 -8.77 13.46
N SER C 62 -21.85 -9.53 14.32
CA SER C 62 -22.31 -9.05 15.61
CA SER C 62 -22.32 -9.05 15.61
C SER C 62 -22.00 -10.05 16.68
N ILE C 63 -22.09 -9.60 17.92
CA ILE C 63 -21.70 -10.44 19.06
C ILE C 63 -22.65 -11.62 19.23
N HIS C 64 -23.87 -11.47 18.72
CA HIS C 64 -24.88 -12.53 18.86
C HIS C 64 -25.42 -13.13 17.58
N SER C 65 -24.81 -12.80 16.45
CA SER C 65 -25.10 -13.54 15.24
C SER C 65 -24.65 -14.98 15.44
N TYR C 66 -25.39 -15.90 14.81
CA TYR C 66 -25.22 -17.35 15.07
C TYR C 66 -23.83 -17.81 14.68
N ARG C 67 -23.15 -18.45 15.63
CA ARG C 67 -21.75 -18.82 15.46
C ARG C 67 -21.64 -20.10 14.68
N GLY C 68 -22.79 -20.73 14.49
CA GLY C 68 -22.82 -22.07 13.91
C GLY C 68 -23.25 -23.12 14.90
N VAL C 69 -23.48 -24.31 14.37
CA VAL C 69 -23.94 -25.47 15.16
C VAL C 69 -23.00 -25.95 16.26
N GLY C 70 -21.73 -25.55 16.18
CA GLY C 70 -20.72 -26.01 17.17
C GLY C 70 -20.05 -27.34 16.85
N LEU C 71 -19.10 -27.74 17.69
CA LEU C 71 -18.21 -28.86 17.38
C LEU C 71 -18.97 -30.17 17.25
N GLU C 72 -19.79 -30.50 18.24
CA GLU C 72 -20.31 -31.85 18.32
C GLU C 72 -21.31 -32.08 17.20
N GLU C 73 -22.18 -31.11 17.01
CA GLU C 73 -23.26 -31.28 16.00
C GLU C 73 -22.63 -31.11 14.62
N GLY C 74 -21.56 -30.31 14.60
CA GLY C 74 -20.91 -29.95 13.34
C GLY C 74 -20.25 -31.20 12.77
N LEU C 75 -19.58 -31.91 13.65
CA LEU C 75 -18.89 -33.15 13.25
C LEU C 75 -19.88 -34.21 12.82
N LYS C 76 -21.02 -34.22 13.48
CA LYS C 76 -22.11 -35.12 13.08
C LYS C 76 -22.61 -34.82 11.66
N ILE C 77 -22.68 -33.55 11.32
CA ILE C 77 -23.10 -33.17 9.97
C ILE C 77 -22.03 -33.56 8.96
N PHE C 78 -20.78 -33.30 9.30
CA PHE C 78 -19.70 -33.73 8.41
C PHE C 78 -19.75 -35.22 8.21
N GLU C 79 -20.02 -35.95 9.27
CA GLU C 79 -20.10 -37.43 9.12
C GLU C 79 -21.18 -37.85 8.10
N LYS C 80 -22.27 -37.12 8.11
CA LYS C 80 -23.42 -37.42 7.25
C LYS C 80 -23.07 -37.06 5.80
N VAL C 81 -22.36 -35.97 5.64
CA VAL C 81 -21.91 -35.55 4.31
C VAL C 81 -21.00 -36.63 3.70
N LYS C 82 -20.05 -37.07 4.52
CA LYS C 82 -19.13 -38.10 4.05
CA LYS C 82 -19.11 -38.15 4.14
C LYS C 82 -19.84 -39.43 3.73
N ALA C 83 -20.77 -39.82 4.56
CA ALA C 83 -21.53 -41.07 4.38
C ALA C 83 -22.41 -41.01 3.13
N GLU C 84 -23.05 -39.86 2.94
CA GLU C 84 -24.02 -39.71 1.85
C GLU C 84 -23.31 -39.61 0.51
N PHE C 85 -22.25 -38.82 0.47
CA PHE C 85 -21.65 -38.44 -0.82
C PHE C 85 -20.31 -39.08 -1.14
N GLY C 86 -19.63 -39.59 -0.12
CA GLY C 86 -18.36 -40.29 -0.34
C GLY C 86 -17.18 -39.39 -0.67
N ILE C 87 -17.33 -38.14 -0.28
CA ILE C 87 -16.34 -37.08 -0.56
C ILE C 87 -15.55 -36.68 0.69
N PRO C 88 -14.35 -36.09 0.50
CA PRO C 88 -13.63 -35.55 1.67
C PRO C 88 -14.25 -34.23 2.08
N VAL C 89 -13.92 -33.82 3.30
CA VAL C 89 -14.44 -32.56 3.87
C VAL C 89 -13.31 -31.77 4.54
N ILE C 90 -13.51 -30.46 4.65
CA ILE C 90 -12.52 -29.59 5.25
C ILE C 90 -13.19 -28.60 6.21
N THR C 91 -12.59 -28.40 7.38
CA THR C 91 -13.11 -27.39 8.33
C THR C 91 -11.95 -26.77 9.07
N ASP C 92 -12.20 -25.61 9.65
CA ASP C 92 -11.19 -24.93 10.47
C ASP C 92 -11.30 -25.27 11.97
N VAL C 93 -10.15 -25.13 12.63
CA VAL C 93 -10.03 -25.28 14.07
C VAL C 93 -9.46 -24.00 14.69
N HIS C 94 -9.95 -23.68 15.89
CA HIS C 94 -9.58 -22.44 16.58
C HIS C 94 -8.81 -22.62 17.88
N GLU C 95 -8.81 -23.84 18.41
CA GLU C 95 -8.18 -24.15 19.73
C GLU C 95 -7.44 -25.48 19.64
N PRO C 96 -6.31 -25.64 20.34
CA PRO C 96 -5.69 -26.96 20.37
C PRO C 96 -6.63 -28.10 20.73
N HIS C 97 -7.49 -27.88 21.70
CA HIS C 97 -8.34 -28.96 22.20
C HIS C 97 -9.30 -29.49 21.11
N GLN C 98 -9.45 -28.71 20.05
CA GLN C 98 -10.43 -29.05 19.01
C GLN C 98 -9.77 -29.95 17.97
N CYS C 99 -8.45 -29.93 17.96
CA CYS C 99 -7.68 -30.53 16.85
C CYS C 99 -7.96 -32.04 16.71
N GLN C 100 -7.87 -32.76 17.82
CA GLN C 100 -8.09 -34.19 17.79
C GLN C 100 -9.50 -34.57 17.33
N PRO C 101 -10.53 -34.01 17.97
CA PRO C 101 -11.84 -34.51 17.58
C PRO C 101 -12.24 -34.10 16.17
N VAL C 102 -11.76 -32.95 15.73
CA VAL C 102 -12.04 -32.52 14.34
C VAL C 102 -11.30 -33.39 13.31
N ALA C 103 -10.02 -33.63 13.60
CA ALA C 103 -9.15 -34.40 12.68
C ALA C 103 -9.66 -35.84 12.53
N GLU C 104 -10.30 -36.37 13.57
CA GLU C 104 -10.79 -37.76 13.51
C GLU C 104 -11.88 -37.88 12.47
N VAL C 105 -12.57 -36.80 12.23
CA VAL C 105 -13.71 -36.82 11.34
C VAL C 105 -13.34 -36.24 9.96
N CYS C 106 -12.63 -35.12 9.99
CA CYS C 106 -12.45 -34.29 8.78
C CYS C 106 -11.11 -34.61 8.10
N ASP C 107 -11.18 -34.62 6.77
CA ASP C 107 -10.04 -35.03 5.92
C ASP C 107 -8.98 -33.98 5.83
N VAL C 108 -9.40 -32.73 5.86
CA VAL C 108 -8.49 -31.62 5.90
C VAL C 108 -8.88 -30.70 7.05
N ILE C 109 -7.90 -30.29 7.84
CA ILE C 109 -8.13 -29.28 8.85
C ILE C 109 -7.40 -27.97 8.48
N GLN C 110 -8.03 -26.87 8.84
CA GLN C 110 -7.63 -25.55 8.36
C GLN C 110 -7.19 -24.64 9.52
N LEU C 111 -6.04 -24.03 9.30
CA LEU C 111 -5.44 -23.04 10.20
C LEU C 111 -5.95 -21.65 9.81
N PRO C 112 -6.81 -21.04 10.64
CA PRO C 112 -7.34 -19.75 10.16
C PRO C 112 -6.22 -18.74 10.04
N ALA C 113 -6.42 -17.79 9.15
CA ALA C 113 -5.40 -16.80 8.84
C ALA C 113 -4.99 -16.03 10.07
N PHE C 114 -5.96 -15.71 10.92
CA PHE C 114 -5.68 -14.86 12.08
C PHE C 114 -4.90 -15.61 13.15
N LEU C 115 -4.89 -16.94 13.07
CA LEU C 115 -4.14 -17.75 14.03
C LEU C 115 -2.88 -18.38 13.44
N ALA C 116 -2.51 -17.90 12.27
CA ALA C 116 -1.48 -18.56 11.45
C ALA C 116 -0.14 -18.55 12.16
N ARG C 117 0.01 -17.65 13.13
CA ARG C 117 1.28 -17.52 13.86
C ARG C 117 1.15 -17.89 15.32
N GLN C 118 0.04 -18.54 15.61
CA GLN C 118 -0.19 -19.09 16.97
C GLN C 118 0.46 -20.47 17.14
N THR C 119 1.61 -20.48 17.77
CA THR C 119 2.47 -21.66 17.78
C THR C 119 1.78 -22.84 18.42
N ASP C 120 1.07 -22.57 19.51
CA ASP C 120 0.37 -23.62 20.23
C ASP C 120 -0.56 -24.41 19.29
N LEU C 121 -1.21 -23.67 18.42
CA LEU C 121 -2.25 -24.27 17.56
C LEU C 121 -1.57 -25.01 16.42
N VAL C 122 -0.50 -24.40 15.92
CA VAL C 122 0.27 -25.01 14.85
C VAL C 122 0.76 -26.38 15.29
N VAL C 123 1.28 -26.45 16.51
CA VAL C 123 1.87 -27.70 17.00
C VAL C 123 0.80 -28.76 17.16
N ALA C 124 -0.35 -28.32 17.67
CA ALA C 124 -1.46 -29.22 17.97
C ALA C 124 -2.08 -29.75 16.69
N MET C 125 -2.10 -28.90 15.68
CA MET C 125 -2.48 -29.31 14.32
C MET C 125 -1.52 -30.28 13.69
N ALA C 126 -0.22 -29.97 13.77
CA ALA C 126 0.83 -30.83 13.23
C ALA C 126 0.68 -32.25 13.74
N LYS C 127 0.43 -32.32 15.03
CA LYS C 127 0.48 -33.57 15.78
C LYS C 127 -0.69 -34.49 15.48
N THR C 128 -1.72 -33.97 14.81
CA THR C 128 -2.85 -34.82 14.39
C THR C 128 -2.41 -35.78 13.26
N GLY C 129 -1.34 -35.39 12.56
CA GLY C 129 -0.94 -36.07 11.31
C GLY C 129 -1.89 -35.92 10.13
N ASN C 130 -2.92 -35.09 10.30
CA ASN C 130 -3.88 -34.74 9.22
C ASN C 130 -3.28 -33.83 8.15
N VAL C 131 -3.91 -33.86 6.99
CA VAL C 131 -3.67 -32.82 5.98
C VAL C 131 -4.16 -31.49 6.51
N VAL C 132 -3.31 -30.49 6.38
CA VAL C 132 -3.53 -29.13 6.87
C VAL C 132 -3.55 -28.10 5.74
N ASN C 133 -4.55 -27.23 5.78
CA ASN C 133 -4.60 -26.04 4.92
C ASN C 133 -4.26 -24.80 5.73
N ILE C 134 -3.20 -24.13 5.29
CA ILE C 134 -2.69 -22.94 5.97
C ILE C 134 -3.19 -21.70 5.24
N LYS C 135 -4.10 -20.95 5.88
CA LYS C 135 -4.63 -19.73 5.25
C LYS C 135 -3.62 -18.59 5.43
N LYS C 136 -3.21 -17.99 4.33
CA LYS C 136 -2.20 -16.94 4.35
C LYS C 136 -2.83 -15.63 4.82
N PRO C 137 -2.36 -15.06 5.94
CA PRO C 137 -2.88 -13.74 6.31
C PRO C 137 -2.63 -12.63 5.29
N GLN C 138 -3.58 -11.69 5.21
CA GLN C 138 -3.52 -10.61 4.22
C GLN C 138 -2.37 -9.66 4.45
N PHE C 139 -1.80 -9.74 5.64
CA PHE C 139 -0.70 -8.86 6.05
C PHE C 139 0.64 -9.54 6.01
N LEU C 140 0.64 -10.82 5.61
CA LEU C 140 1.88 -11.59 5.51
C LEU C 140 2.31 -11.69 4.08
N SER C 141 3.59 -11.45 3.88
CA SER C 141 4.20 -11.62 2.59
C SER C 141 4.40 -13.09 2.24
N PRO C 142 4.45 -13.40 0.93
CA PRO C 142 4.54 -14.78 0.47
C PRO C 142 5.82 -15.46 0.94
N SER C 143 6.85 -14.66 1.14
CA SER C 143 8.16 -15.17 1.54
C SER C 143 8.14 -15.62 3.00
N GLN C 144 7.09 -15.25 3.72
CA GLN C 144 6.99 -15.54 5.16
C GLN C 144 6.31 -16.88 5.42
N MET C 145 5.69 -17.41 4.39
CA MET C 145 4.90 -18.64 4.55
C MET C 145 5.83 -19.78 4.99
N LYS C 146 7.07 -19.69 4.54
CA LYS C 146 8.10 -20.73 4.80
C LYS C 146 8.34 -20.91 6.30
N ASN C 147 8.10 -19.83 7.03
CA ASN C 147 8.28 -19.84 8.48
C ASN C 147 7.21 -20.65 9.18
N ILE C 148 6.00 -20.61 8.65
CA ILE C 148 4.91 -21.43 9.18
C ILE C 148 5.14 -22.88 8.81
N VAL C 149 5.48 -23.09 7.55
CA VAL C 149 5.77 -24.43 7.04
C VAL C 149 6.88 -25.11 7.88
N GLU C 150 7.89 -24.34 8.25
CA GLU C 150 9.00 -24.88 9.06
C GLU C 150 8.52 -25.40 10.43
N LYS C 151 7.68 -24.60 11.04
CA LYS C 151 7.09 -24.93 12.36
CA LYS C 151 7.13 -24.95 12.36
C LYS C 151 6.29 -26.23 12.30
N PHE C 152 5.55 -26.40 11.20
CA PHE C 152 4.80 -27.66 10.98
C PHE C 152 5.75 -28.83 10.81
N HIS C 153 6.79 -28.58 10.03
CA HIS C 153 7.80 -29.63 9.77
C HIS C 153 8.49 -30.06 11.08
N GLU C 154 8.83 -29.07 11.89
CA GLU C 154 9.54 -29.32 13.16
C GLU C 154 8.68 -30.21 14.03
N ALA C 155 7.38 -30.06 13.87
CA ALA C 155 6.40 -30.72 14.71
C ALA C 155 5.92 -32.02 14.07
N GLY C 156 6.55 -32.38 12.96
CA GLY C 156 6.36 -33.70 12.35
C GLY C 156 5.30 -33.87 11.27
N ASN C 157 4.82 -32.77 10.72
CA ASN C 157 3.76 -32.84 9.70
C ASN C 157 4.17 -32.08 8.45
N GLY C 158 4.25 -32.82 7.36
CA GLY C 158 4.60 -32.28 6.05
C GLY C 158 3.46 -32.27 5.05
N LYS C 159 2.27 -32.66 5.50
CA LYS C 159 1.08 -32.69 4.60
C LYS C 159 0.34 -31.36 4.60
N LEU C 160 0.92 -30.40 3.92
CA LEU C 160 0.52 -29.02 4.06
C LEU C 160 0.12 -28.43 2.72
N ILE C 161 -0.97 -27.68 2.79
CA ILE C 161 -1.52 -26.85 1.69
C ILE C 161 -1.45 -25.36 2.04
N LEU C 162 -0.99 -24.57 1.09
CA LEU C 162 -0.97 -23.10 1.28
C LEU C 162 -2.06 -22.41 0.49
N CYS C 163 -2.83 -21.58 1.19
CA CYS C 163 -4.04 -21.00 0.63
C CYS C 163 -3.94 -19.48 0.56
N GLU C 164 -3.90 -18.99 -0.67
CA GLU C 164 -3.87 -17.54 -0.95
C GLU C 164 -5.21 -16.88 -0.74
N ARG C 165 -5.20 -15.72 -0.08
CA ARG C 165 -6.43 -14.95 0.16
C ARG C 165 -6.34 -13.42 0.00
N GLY C 166 -5.34 -13.01 -0.75
CA GLY C 166 -5.05 -11.61 -1.00
C GLY C 166 -4.18 -10.97 0.04
N SER C 167 -3.84 -9.73 -0.29
CA SER C 167 -2.91 -8.89 0.51
C SER C 167 -3.48 -7.50 0.72
N SER C 168 -3.29 -6.98 1.92
CA SER C 168 -3.78 -5.66 2.28
C SER C 168 -3.20 -4.62 1.34
N PHE C 169 -4.06 -3.79 0.79
CA PHE C 169 -3.69 -2.80 -0.22
C PHE C 169 -4.27 -1.47 0.16
N GLY C 170 -3.48 -0.69 0.89
CA GLY C 170 -3.99 0.54 1.51
C GLY C 170 -5.02 0.16 2.55
N TYR C 171 -6.07 0.99 2.66
CA TYR C 171 -7.15 0.74 3.62
C TYR C 171 -8.27 -0.07 2.94
N ASP C 172 -8.62 -1.18 3.60
CA ASP C 172 -9.85 -1.94 3.30
C ASP C 172 -9.66 -2.81 2.02
N ASN C 173 -9.09 -2.25 0.99
CA ASN C 173 -8.93 -2.97 -0.28
C ASN C 173 -7.99 -4.18 -0.15
N LEU C 174 -8.27 -5.21 -0.93
CA LEU C 174 -7.31 -6.29 -1.15
C LEU C 174 -6.87 -6.41 -2.61
N VAL C 175 -5.60 -6.72 -2.77
N VAL C 175 -5.62 -6.76 -2.78
CA VAL C 175 -5.06 -7.10 -4.07
CA VAL C 175 -5.11 -7.09 -4.10
C VAL C 175 -4.48 -8.49 -3.96
C VAL C 175 -4.39 -8.44 -4.04
N VAL C 176 -4.68 -9.29 -5.02
CA VAL C 176 -3.96 -10.58 -5.16
C VAL C 176 -2.74 -10.46 -6.05
N ASP C 177 -1.56 -10.66 -5.47
CA ASP C 177 -0.29 -10.61 -6.19
C ASP C 177 -0.06 -11.96 -6.89
N MET C 178 -0.28 -11.96 -8.19
CA MET C 178 -0.17 -13.18 -9.00
C MET C 178 1.22 -13.78 -8.93
N LEU C 179 2.20 -12.98 -8.51
CA LEU C 179 3.60 -13.44 -8.41
C LEU C 179 3.82 -14.24 -7.14
N GLY C 180 2.93 -14.04 -6.18
CA GLY C 180 3.08 -14.69 -4.87
C GLY C 180 2.94 -16.19 -4.89
N PHE C 181 2.20 -16.70 -5.87
CA PHE C 181 1.98 -18.13 -5.99
C PHE C 181 3.32 -18.83 -6.23
N GLY C 182 4.08 -18.24 -7.13
CA GLY C 182 5.38 -18.77 -7.50
C GLY C 182 6.39 -18.66 -6.35
N VAL C 183 6.31 -17.56 -5.63
CA VAL C 183 7.25 -17.32 -4.50
C VAL C 183 6.99 -18.40 -3.45
N MET C 184 5.72 -18.71 -3.25
CA MET C 184 5.31 -19.75 -2.27
C MET C 184 5.80 -21.13 -2.72
N LYS C 185 5.61 -21.42 -4.01
CA LYS C 185 6.06 -22.69 -4.58
C LYS C 185 7.57 -22.84 -4.41
N GLN C 186 8.30 -21.78 -4.69
CA GLN C 186 9.77 -21.84 -4.78
C GLN C 186 10.41 -21.91 -3.39
N THR C 187 9.77 -21.30 -2.41
CA THR C 187 10.33 -21.22 -1.07
C THR C 187 9.78 -22.28 -0.10
N CYS C 188 8.68 -22.92 -0.49
CA CYS C 188 8.00 -23.89 0.41
C CYS C 188 7.93 -25.32 -0.11
N GLY C 189 8.86 -25.63 -0.99
CA GLY C 189 9.05 -27.00 -1.46
C GLY C 189 7.99 -27.52 -2.42
N ASN C 190 7.41 -26.60 -3.19
CA ASN C 190 6.36 -26.94 -4.18
C ASN C 190 5.23 -27.73 -3.55
N LEU C 191 4.91 -27.35 -2.33
CA LEU C 191 3.66 -27.82 -1.71
C LEU C 191 2.48 -27.29 -2.54
N PRO C 192 1.34 -27.99 -2.48
CA PRO C 192 0.10 -27.54 -3.10
C PRO C 192 -0.32 -26.18 -2.68
N VAL C 193 -0.54 -25.37 -3.69
CA VAL C 193 -1.06 -24.00 -3.53
C VAL C 193 -2.48 -23.88 -4.08
N ILE C 194 -3.38 -23.38 -3.22
CA ILE C 194 -4.76 -23.21 -3.61
C ILE C 194 -5.16 -21.73 -3.39
N PHE C 195 -6.18 -21.33 -4.11
CA PHE C 195 -6.58 -19.91 -4.19
C PHE C 195 -8.00 -19.73 -3.68
N ASP C 196 -8.09 -19.03 -2.56
CA ASP C 196 -9.38 -18.58 -2.00
C ASP C 196 -9.86 -17.31 -2.65
N VAL C 197 -10.66 -17.48 -3.69
CA VAL C 197 -11.10 -16.37 -4.54
CA VAL C 197 -11.07 -16.37 -4.53
C VAL C 197 -12.10 -15.53 -3.80
N THR C 198 -12.89 -16.22 -3.01
CA THR C 198 -14.02 -15.61 -2.29
C THR C 198 -13.54 -14.55 -1.31
N HIS C 199 -12.56 -14.92 -0.51
CA HIS C 199 -12.10 -14.05 0.55
C HIS C 199 -11.04 -13.09 0.01
N SER C 200 -10.67 -13.29 -1.23
CA SER C 200 -9.68 -12.41 -1.84
C SER C 200 -10.37 -11.19 -2.39
N LEU C 201 -11.69 -11.27 -2.47
CA LEU C 201 -12.48 -10.22 -3.11
C LEU C 201 -12.86 -9.20 -2.07
N GLN C 202 -13.89 -9.50 -1.30
CA GLN C 202 -14.47 -8.48 -0.39
C GLN C 202 -15.64 -8.99 0.44
N GLY C 212 -21.02 -7.80 -14.76
CA GLY C 212 -21.83 -8.34 -13.68
C GLY C 212 -21.07 -8.48 -12.38
N GLY C 213 -21.19 -7.43 -11.57
CA GLY C 213 -20.29 -7.12 -10.44
C GLY C 213 -19.48 -8.25 -9.84
N ARG C 214 -19.91 -8.71 -8.68
CA ARG C 214 -19.11 -9.63 -7.88
C ARG C 214 -18.84 -10.92 -8.63
N ARG C 215 -19.82 -11.37 -9.40
CA ARG C 215 -19.69 -12.64 -10.12
C ARG C 215 -18.65 -12.50 -11.22
N ALA C 216 -18.66 -11.36 -11.89
CA ALA C 216 -17.75 -11.15 -13.03
C ALA C 216 -16.34 -10.92 -12.53
N GLN C 217 -16.24 -10.38 -11.33
CA GLN C 217 -14.92 -10.16 -10.70
C GLN C 217 -14.35 -11.49 -10.26
N ALA C 218 -15.22 -12.32 -9.69
CA ALA C 218 -14.78 -13.60 -9.13
C ALA C 218 -14.21 -14.43 -10.25
N LEU C 219 -14.87 -14.38 -11.39
CA LEU C 219 -14.44 -15.19 -12.54
C LEU C 219 -13.10 -14.70 -13.07
N ASP C 220 -12.96 -13.41 -13.26
CA ASP C 220 -11.68 -12.86 -13.82
C ASP C 220 -10.57 -13.22 -12.87
N LEU C 221 -10.82 -13.05 -11.58
CA LEU C 221 -9.77 -13.23 -10.58
C LEU C 221 -9.37 -14.71 -10.49
N ALA C 222 -10.38 -15.58 -10.51
CA ALA C 222 -10.15 -17.02 -10.46
C ALA C 222 -9.35 -17.48 -11.68
N LEU C 223 -9.75 -17.03 -12.86
CA LEU C 223 -9.05 -17.40 -14.10
C LEU C 223 -7.60 -16.95 -14.03
N ALA C 224 -7.39 -15.71 -13.58
CA ALA C 224 -6.03 -15.15 -13.51
C ALA C 224 -5.14 -15.97 -12.59
N GLY C 225 -5.70 -16.34 -11.44
CA GLY C 225 -4.94 -17.14 -10.46
C GLY C 225 -4.57 -18.50 -11.03
N MET C 226 -5.57 -19.14 -11.65
CA MET C 226 -5.40 -20.52 -12.08
C MET C 226 -4.47 -20.62 -13.27
N ALA C 227 -4.31 -19.49 -13.95
CA ALA C 227 -3.38 -19.38 -15.06
C ALA C 227 -1.93 -19.55 -14.62
N THR C 228 -1.69 -19.42 -13.32
CA THR C 228 -0.36 -19.53 -12.76
C THR C 228 0.01 -20.95 -12.39
N ARG C 229 -0.94 -21.83 -12.61
CA ARG C 229 -0.76 -23.28 -12.41
C ARG C 229 -0.88 -23.69 -10.94
N LEU C 230 -2.12 -23.88 -10.51
CA LEU C 230 -2.37 -24.13 -9.08
C LEU C 230 -3.05 -25.48 -8.83
N ALA C 231 -2.92 -25.95 -7.59
CA ALA C 231 -3.55 -27.21 -7.15
C ALA C 231 -5.06 -27.15 -7.04
N GLY C 232 -5.57 -26.01 -6.63
CA GLY C 232 -6.99 -25.91 -6.45
C GLY C 232 -7.52 -24.52 -6.22
N LEU C 233 -8.84 -24.49 -6.16
CA LEU C 233 -9.62 -23.24 -6.06
C LEU C 233 -10.60 -23.42 -4.93
N PHE C 234 -10.67 -22.40 -4.12
CA PHE C 234 -11.37 -22.43 -2.84
C PHE C 234 -12.42 -21.37 -2.92
N LEU C 235 -13.66 -21.79 -2.85
CA LEU C 235 -14.77 -20.85 -2.85
C LEU C 235 -15.93 -21.19 -1.95
N GLU C 236 -16.68 -20.14 -1.69
CA GLU C 236 -17.91 -20.22 -0.94
C GLU C 236 -19.08 -19.67 -1.72
N SER C 237 -20.21 -20.35 -1.56
CA SER C 237 -21.47 -20.01 -2.19
C SER C 237 -22.50 -19.58 -1.16
N HIS C 238 -23.55 -18.94 -1.68
CA HIS C 238 -24.80 -18.72 -0.94
C HIS C 238 -25.91 -19.61 -1.50
N ALA C 251 -19.54 -14.51 -1.92
CA ALA C 251 -20.11 -15.84 -2.13
C ALA C 251 -20.78 -15.92 -3.48
N LEU C 252 -20.34 -16.91 -4.25
CA LEU C 252 -20.89 -17.20 -5.58
C LEU C 252 -22.35 -17.65 -5.50
N PRO C 253 -23.21 -17.15 -6.41
CA PRO C 253 -24.54 -17.72 -6.50
C PRO C 253 -24.53 -19.15 -7.01
N LEU C 254 -25.26 -20.00 -6.29
CA LEU C 254 -25.09 -21.47 -6.37
C LEU C 254 -25.46 -22.03 -7.76
N HIS C 255 -26.44 -21.41 -8.39
CA HIS C 255 -27.03 -21.95 -9.62
C HIS C 255 -26.15 -21.65 -10.84
N LEU C 256 -25.14 -20.83 -10.63
CA LEU C 256 -24.30 -20.38 -11.74
C LEU C 256 -22.95 -21.08 -11.61
N LEU C 257 -22.98 -22.07 -10.74
CA LEU C 257 -21.80 -22.84 -10.38
C LEU C 257 -21.28 -23.60 -11.58
N GLU C 258 -22.20 -24.21 -12.34
CA GLU C 258 -21.80 -25.06 -13.48
C GLU C 258 -21.04 -24.24 -14.54
N ASP C 259 -21.59 -23.08 -14.82
CA ASP C 259 -21.03 -22.20 -15.82
C ASP C 259 -19.66 -21.70 -15.41
N PHE C 260 -19.55 -21.37 -14.14
CA PHE C 260 -18.30 -20.87 -13.58
C PHE C 260 -17.22 -21.96 -13.68
N LEU C 261 -17.56 -23.13 -13.17
CA LEU C 261 -16.61 -24.27 -13.21
C LEU C 261 -16.22 -24.73 -14.62
N ILE C 262 -17.13 -24.61 -15.57
CA ILE C 262 -16.83 -24.97 -16.94
C ILE C 262 -15.66 -24.11 -17.44
N ARG C 263 -15.70 -22.84 -17.06
CA ARG C 263 -14.71 -21.88 -17.52
C ARG C 263 -13.37 -22.04 -16.84
N ILE C 264 -13.43 -22.40 -15.57
CA ILE C 264 -12.24 -22.64 -14.77
C ILE C 264 -11.55 -23.91 -15.27
N LYS C 265 -12.36 -24.94 -15.51
CA LYS C 265 -11.85 -26.22 -15.99
C LYS C 265 -11.15 -26.06 -17.33
N ALA C 266 -11.76 -25.28 -18.20
CA ALA C 266 -11.23 -25.08 -19.55
C ALA C 266 -9.79 -24.59 -19.43
N LEU C 267 -9.64 -23.56 -18.65
CA LEU C 267 -8.32 -22.88 -18.47
C LEU C 267 -7.34 -23.78 -17.76
N ASP C 268 -7.84 -24.47 -16.74
CA ASP C 268 -6.97 -25.38 -15.95
C ASP C 268 -6.46 -26.51 -16.81
N ASP C 269 -7.35 -27.07 -17.62
CA ASP C 269 -7.01 -28.19 -18.50
C ASP C 269 -6.00 -27.75 -19.55
N LEU C 270 -6.19 -26.55 -20.06
CA LEU C 270 -5.22 -26.00 -21.03
C LEU C 270 -3.82 -25.86 -20.40
N ILE C 271 -3.80 -25.21 -19.28
CA ILE C 271 -2.52 -24.85 -18.61
C ILE C 271 -1.76 -26.08 -18.19
N LYS C 272 -2.50 -27.02 -17.64
CA LYS C 272 -1.94 -28.23 -17.04
C LYS C 272 -1.44 -29.17 -18.14
N SER C 273 -1.99 -28.99 -19.33
CA SER C 273 -1.70 -29.90 -20.47
C SER C 273 -0.38 -29.56 -21.14
N GLN C 274 0.16 -28.42 -20.79
CA GLN C 274 1.45 -27.96 -21.32
C GLN C 274 2.51 -28.03 -20.23
N PRO C 275 3.69 -28.55 -20.56
CA PRO C 275 4.70 -28.66 -19.52
C PRO C 275 5.25 -27.31 -19.11
N ILE C 276 5.68 -27.24 -17.86
CA ILE C 276 6.23 -26.01 -17.29
C ILE C 276 7.38 -25.51 -18.14
N LEU C 277 7.43 -24.19 -18.33
CA LEU C 277 8.49 -23.53 -19.12
C LEU C 277 9.45 -22.73 -18.24
N MET D 1 -14.87 -1.21 -27.69
CA MET D 1 -14.57 -0.35 -28.92
CA MET D 1 -14.60 -0.44 -28.88
C MET D 1 -13.35 -1.06 -29.41
N ASP D 2 -13.39 -1.34 -30.70
CA ASP D 2 -12.22 -1.75 -31.45
C ASP D 2 -11.50 -0.56 -32.07
N ILE D 3 -10.24 -0.78 -32.37
CA ILE D 3 -9.42 0.21 -33.08
C ILE D 3 -8.65 -0.47 -34.20
N LYS D 4 -8.82 0.06 -35.40
CA LYS D 4 -8.06 -0.40 -36.58
C LYS D 4 -6.72 0.30 -36.64
N ILE D 5 -5.68 -0.50 -36.73
CA ILE D 5 -4.31 -0.01 -36.93
C ILE D 5 -3.72 -0.68 -38.16
N ASN D 6 -3.74 0.07 -39.26
CA ASN D 6 -3.73 -0.50 -40.59
C ASN D 6 -4.70 -1.67 -40.74
N ASP D 7 -4.14 -2.85 -40.94
CA ASP D 7 -4.94 -4.07 -41.15
C ASP D 7 -5.18 -4.83 -39.85
N ILE D 8 -4.64 -4.30 -38.77
CA ILE D 8 -4.84 -4.91 -37.42
C ILE D 8 -6.11 -4.40 -36.78
N THR D 9 -6.89 -5.34 -36.27
CA THR D 9 -8.04 -5.02 -35.43
C THR D 9 -7.66 -5.30 -33.97
N LEU D 10 -7.66 -4.21 -33.20
CA LEU D 10 -7.28 -4.24 -31.78
C LEU D 10 -8.50 -4.02 -30.95
N GLY D 11 -8.77 -5.01 -30.11
CA GLY D 11 -9.92 -4.96 -29.20
C GLY D 11 -9.95 -6.08 -28.20
N ASN D 12 -10.76 -5.87 -27.16
CA ASN D 12 -10.77 -6.74 -25.99
C ASN D 12 -11.42 -8.09 -26.24
N ASN D 13 -12.04 -8.23 -27.41
CA ASN D 13 -12.62 -9.52 -27.81
C ASN D 13 -12.06 -9.97 -29.14
N SER D 14 -10.90 -9.45 -29.46
CA SER D 14 -10.18 -9.86 -30.65
C SER D 14 -8.90 -10.61 -30.30
N PRO D 15 -8.30 -11.32 -31.27
CA PRO D 15 -7.06 -11.99 -30.93
C PRO D 15 -6.00 -11.00 -30.47
N PHE D 16 -5.28 -11.36 -29.43
CA PHE D 16 -4.33 -10.41 -28.85
C PHE D 16 -3.30 -9.94 -29.88
N VAL D 17 -2.99 -8.67 -29.75
CA VAL D 17 -1.92 -8.00 -30.49
C VAL D 17 -0.67 -7.87 -29.60
N LEU D 18 0.45 -8.26 -30.15
CA LEU D 18 1.75 -8.02 -29.48
C LEU D 18 2.34 -6.67 -29.86
N PHE D 19 2.58 -5.89 -28.82
CA PHE D 19 3.39 -4.67 -28.89
C PHE D 19 4.75 -5.01 -28.32
N GLY D 20 5.71 -5.21 -29.20
CA GLY D 20 7.00 -5.71 -28.75
C GLY D 20 8.19 -5.07 -29.40
N GLY D 21 9.25 -5.08 -28.62
CA GLY D 21 10.54 -4.57 -29.04
C GLY D 21 11.52 -4.46 -27.89
N ILE D 22 12.03 -3.26 -27.74
CA ILE D 22 13.22 -3.03 -26.93
C ILE D 22 13.10 -1.76 -26.12
N CYS D 23 13.96 -1.67 -25.13
CA CYS D 23 13.93 -0.54 -24.20
C CYS D 23 14.16 0.75 -24.99
N VAL D 24 15.31 0.80 -25.64
CA VAL D 24 15.79 2.00 -26.35
C VAL D 24 16.55 1.71 -27.65
N LEU D 25 16.37 2.61 -28.62
CA LEU D 25 17.06 2.50 -29.92
C LEU D 25 18.52 2.88 -29.77
N GLU D 26 19.41 2.03 -30.26
CA GLU D 26 20.87 2.27 -30.17
C GLU D 26 21.56 2.38 -31.51
N SER D 27 21.19 1.50 -32.42
CA SER D 27 21.64 1.57 -33.80
C SER D 27 20.58 1.01 -34.74
N LEU D 28 20.72 1.34 -36.02
CA LEU D 28 19.81 0.82 -37.04
C LEU D 28 19.93 -0.70 -37.11
N ASP D 29 21.17 -1.18 -37.14
CA ASP D 29 21.41 -2.58 -37.45
C ASP D 29 20.84 -3.49 -36.37
N SER D 30 20.93 -3.04 -35.14
CA SER D 30 20.49 -3.87 -34.01
C SER D 30 18.98 -3.83 -33.93
N THR D 31 18.43 -2.69 -34.33
CA THR D 31 16.99 -2.51 -34.36
C THR D 31 16.37 -3.44 -35.41
N LEU D 32 16.97 -3.47 -36.60
CA LEU D 32 16.39 -4.27 -37.71
C LEU D 32 16.51 -5.76 -37.43
N GLN D 33 17.57 -6.11 -36.73
CA GLN D 33 17.83 -7.49 -36.35
C GLN D 33 16.79 -7.96 -35.35
N THR D 34 16.58 -7.14 -34.32
CA THR D 34 15.63 -7.52 -33.26
C THR D 34 14.22 -7.54 -33.85
N CYS D 35 13.93 -6.54 -34.69
CA CYS D 35 12.60 -6.46 -35.31
C CYS D 35 12.36 -7.63 -36.23
N ALA D 36 13.41 -8.03 -36.93
CA ALA D 36 13.30 -9.09 -37.92
C ALA D 36 12.83 -10.36 -37.24
N HIS D 37 13.43 -10.60 -36.08
CA HIS D 37 13.12 -11.76 -35.26
C HIS D 37 11.69 -11.75 -34.77
N TYR D 38 11.26 -10.60 -34.27
CA TYR D 38 9.87 -10.43 -33.80
C TYR D 38 8.87 -10.73 -34.92
N VAL D 39 9.15 -10.23 -36.11
CA VAL D 39 8.20 -10.35 -37.23
C VAL D 39 8.03 -11.81 -37.70
N GLU D 40 9.15 -12.51 -37.76
CA GLU D 40 9.16 -13.88 -38.31
C GLU D 40 8.46 -14.83 -37.35
N VAL D 41 8.73 -14.63 -36.06
CA VAL D 41 8.08 -15.39 -34.98
C VAL D 41 6.58 -15.13 -34.93
N THR D 42 6.21 -13.86 -34.93
CA THR D 42 4.80 -13.51 -34.86
C THR D 42 4.05 -13.92 -36.13
N ARG D 43 4.69 -13.80 -37.29
CA ARG D 43 3.99 -14.15 -38.54
C ARG D 43 3.62 -15.64 -38.58
N LYS D 44 4.53 -16.49 -38.12
CA LYS D 44 4.32 -17.93 -38.20
C LYS D 44 3.33 -18.39 -37.15
N LEU D 45 3.23 -17.61 -36.08
CA LEU D 45 2.31 -17.92 -35.00
C LEU D 45 0.96 -17.28 -35.26
N GLY D 46 0.92 -16.38 -36.22
CA GLY D 46 -0.33 -15.77 -36.65
C GLY D 46 -0.81 -14.72 -35.65
N ILE D 47 0.17 -14.07 -35.03
CA ILE D 47 -0.07 -13.02 -34.01
C ILE D 47 0.17 -11.64 -34.61
N PRO D 48 -0.82 -10.75 -34.53
CA PRO D 48 -0.57 -9.40 -35.06
C PRO D 48 0.50 -8.69 -34.25
N TYR D 49 1.24 -7.79 -34.88
CA TYR D 49 2.49 -7.30 -34.31
C TYR D 49 2.81 -5.85 -34.66
N ILE D 50 3.08 -5.12 -33.60
CA ILE D 50 3.47 -3.71 -33.63
C ILE D 50 4.82 -3.53 -32.94
N PHE D 51 5.79 -3.00 -33.68
CA PHE D 51 7.15 -2.79 -33.14
C PHE D 51 7.27 -1.56 -32.21
N LYS D 52 7.91 -1.79 -31.07
CA LYS D 52 8.09 -0.78 -30.01
C LYS D 52 9.56 -0.45 -29.74
N ALA D 53 9.82 0.83 -29.69
CA ALA D 53 11.09 1.32 -29.17
C ALA D 53 10.97 2.81 -28.86
N SER D 54 11.74 3.24 -27.87
CA SER D 54 11.95 4.66 -27.60
C SER D 54 13.25 5.15 -28.20
N PHE D 55 13.18 6.37 -28.72
CA PHE D 55 14.33 7.09 -29.29
C PHE D 55 15.09 7.85 -28.20
N ASP D 56 14.47 7.93 -27.03
CA ASP D 56 15.09 8.62 -25.89
C ASP D 56 14.64 8.11 -24.54
N LYS D 57 15.63 7.85 -23.71
CA LYS D 57 15.42 7.55 -22.28
C LYS D 57 15.59 8.84 -21.48
N ALA D 58 14.46 9.36 -21.01
CA ALA D 58 14.39 10.76 -20.63
C ALA D 58 14.60 10.88 -19.14
N ASN D 59 14.71 9.73 -18.49
CA ASN D 59 14.74 9.64 -17.02
C ASN D 59 15.93 8.89 -16.44
N ARG D 60 16.93 8.68 -17.28
CA ARG D 60 18.17 8.01 -16.87
C ARG D 60 19.03 8.85 -15.94
N SER D 61 20.31 8.90 -16.27
CA SER D 61 21.34 9.46 -15.38
C SER D 61 22.28 10.48 -16.03
N SER D 62 22.96 10.05 -17.07
CA SER D 62 23.65 11.00 -17.95
C SER D 62 24.97 10.47 -18.50
N ILE D 63 24.90 9.86 -19.67
CA ILE D 63 26.13 9.43 -20.31
C ILE D 63 27.24 10.42 -19.99
N TYR D 66 24.03 5.07 -22.76
CA TYR D 66 23.24 5.72 -23.80
C TYR D 66 21.88 6.14 -23.28
N ARG D 67 21.46 7.32 -23.71
CA ARG D 67 20.07 7.76 -23.54
C ARG D 67 19.28 7.47 -24.80
N GLY D 68 19.94 6.78 -25.71
CA GLY D 68 19.38 6.46 -27.02
C GLY D 68 19.90 7.36 -28.11
N VAL D 69 19.58 6.99 -29.34
CA VAL D 69 20.12 7.69 -30.53
C VAL D 69 19.45 9.03 -30.71
N GLY D 70 18.47 9.31 -29.87
CA GLY D 70 17.74 10.58 -29.94
C GLY D 70 16.74 10.62 -31.09
N LEU D 71 16.10 11.78 -31.21
CA LEU D 71 14.85 11.91 -31.97
C LEU D 71 15.10 11.79 -33.46
N GLU D 72 15.85 12.77 -33.95
CA GLU D 72 16.05 12.93 -35.39
C GLU D 72 16.48 11.63 -36.01
N GLU D 73 17.34 10.92 -35.29
CA GLU D 73 17.90 9.64 -35.76
C GLU D 73 16.85 8.54 -35.59
N GLY D 74 16.26 8.52 -34.41
CA GLY D 74 15.19 7.59 -34.10
C GLY D 74 14.18 7.43 -35.21
N LEU D 75 13.64 8.56 -35.67
CA LEU D 75 12.56 8.55 -36.67
C LEU D 75 13.05 7.90 -37.95
N LYS D 76 14.27 8.28 -38.34
CA LYS D 76 14.98 7.62 -39.43
C LYS D 76 14.76 6.11 -39.34
N ILE D 77 15.12 5.60 -38.17
CA ILE D 77 15.17 4.15 -37.98
C ILE D 77 13.78 3.55 -38.08
N PHE D 78 12.79 4.26 -37.52
CA PHE D 78 11.37 3.82 -37.59
C PHE D 78 10.89 3.77 -39.03
N GLU D 79 11.40 4.69 -39.81
CA GLU D 79 11.04 4.77 -41.23
C GLU D 79 11.52 3.53 -41.95
N LYS D 80 12.75 3.16 -41.63
CA LYS D 80 13.37 1.94 -42.16
C LYS D 80 12.56 0.71 -41.78
N VAL D 81 12.31 0.60 -40.48
CA VAL D 81 11.55 -0.54 -39.92
C VAL D 81 10.23 -0.71 -40.68
N LYS D 82 9.57 0.41 -40.96
CA LYS D 82 8.22 0.33 -41.53
C LYS D 82 8.32 -0.06 -42.99
N ALA D 83 9.38 0.44 -43.64
CA ALA D 83 9.63 0.12 -45.04
C ALA D 83 9.86 -1.36 -45.19
N GLU D 84 10.80 -1.85 -44.38
CA GLU D 84 11.29 -3.23 -44.55
C GLU D 84 10.24 -4.27 -44.22
N PHE D 85 9.46 -4.02 -43.17
CA PHE D 85 8.61 -5.09 -42.62
C PHE D 85 7.13 -4.86 -42.88
N GLY D 86 6.74 -3.62 -43.13
CA GLY D 86 5.34 -3.31 -43.46
C GLY D 86 4.40 -3.39 -42.26
N ILE D 87 4.99 -3.21 -41.08
CA ILE D 87 4.25 -3.23 -39.81
C ILE D 87 4.07 -1.85 -39.19
N PRO D 88 3.07 -1.69 -38.29
CA PRO D 88 2.98 -0.46 -37.50
C PRO D 88 4.02 -0.44 -36.41
N VAL D 89 4.28 0.76 -35.94
CA VAL D 89 5.25 0.98 -34.87
C VAL D 89 4.64 1.88 -33.83
N ILE D 90 5.29 1.87 -32.67
CA ILE D 90 4.90 2.67 -31.51
C ILE D 90 6.14 3.23 -30.78
N THR D 91 6.08 4.50 -30.40
CA THR D 91 7.13 5.06 -29.52
C THR D 91 6.56 6.13 -28.63
N ASP D 92 7.26 6.43 -27.54
CA ASP D 92 6.82 7.45 -26.58
C ASP D 92 7.40 8.82 -26.83
N VAL D 93 6.62 9.81 -26.44
CA VAL D 93 6.99 11.22 -26.58
C VAL D 93 7.02 11.81 -25.21
N HIS D 94 7.95 12.76 -24.98
CA HIS D 94 8.15 13.32 -23.64
C HIS D 94 7.96 14.81 -23.61
N GLU D 95 7.71 15.37 -24.78
CA GLU D 95 7.61 16.82 -24.96
C GLU D 95 6.60 17.19 -26.04
N PRO D 96 5.78 18.21 -25.77
CA PRO D 96 4.66 18.53 -26.66
C PRO D 96 5.08 18.78 -28.09
N HIS D 97 6.21 19.49 -28.25
CA HIS D 97 6.67 19.90 -29.58
C HIS D 97 7.10 18.69 -30.39
N GLN D 98 7.50 17.63 -29.70
CA GLN D 98 7.95 16.38 -30.35
C GLN D 98 6.82 15.69 -31.11
N CYS D 99 5.59 16.05 -30.74
CA CYS D 99 4.43 15.15 -30.93
C CYS D 99 4.09 15.00 -32.38
N GLN D 100 3.89 16.14 -33.01
CA GLN D 100 3.45 16.15 -34.41
C GLN D 100 4.48 15.52 -35.35
N PRO D 101 5.78 15.82 -35.14
CA PRO D 101 6.75 15.21 -36.05
C PRO D 101 6.93 13.72 -35.83
N VAL D 102 6.80 13.29 -34.57
CA VAL D 102 6.91 11.86 -34.22
C VAL D 102 5.73 11.11 -34.84
N ALA D 103 4.62 11.81 -34.92
CA ALA D 103 3.33 11.24 -35.29
C ALA D 103 3.21 11.02 -36.78
N GLU D 104 3.97 11.80 -37.54
CA GLU D 104 3.97 11.67 -39.01
C GLU D 104 4.42 10.29 -39.42
N VAL D 105 5.30 9.72 -38.60
CA VAL D 105 6.00 8.46 -38.88
C VAL D 105 5.42 7.28 -38.08
N CYS D 106 5.47 7.46 -36.76
CA CYS D 106 5.06 6.43 -35.80
C CYS D 106 3.54 6.35 -35.66
N ASP D 107 3.00 5.14 -35.93
CA ASP D 107 1.54 4.94 -36.05
C ASP D 107 0.83 5.15 -34.71
N VAL D 108 1.39 4.55 -33.68
CA VAL D 108 0.88 4.74 -32.32
C VAL D 108 1.88 5.58 -31.54
N ILE D 109 1.38 6.65 -30.94
CA ILE D 109 2.18 7.42 -29.99
C ILE D 109 1.74 7.17 -28.57
N GLN D 110 2.74 7.14 -27.69
CA GLN D 110 2.60 6.72 -26.29
C GLN D 110 2.82 7.87 -25.32
N LEU D 111 1.85 8.02 -24.43
CA LEU D 111 1.95 8.90 -23.26
C LEU D 111 2.69 8.21 -22.12
N PRO D 112 3.85 8.75 -21.70
CA PRO D 112 4.54 8.07 -20.63
C PRO D 112 3.79 8.20 -19.33
N ALA D 113 3.94 7.17 -18.49
CA ALA D 113 3.22 7.08 -17.22
C ALA D 113 3.44 8.32 -16.37
N PHE D 114 4.67 8.79 -16.32
CA PHE D 114 5.00 9.89 -15.41
C PHE D 114 4.29 11.18 -15.80
N LEU D 115 3.88 11.22 -17.05
CA LEU D 115 3.49 12.47 -17.70
C LEU D 115 1.99 12.58 -17.99
N ALA D 116 1.22 11.69 -17.38
CA ALA D 116 -0.18 11.50 -17.78
C ALA D 116 -1.02 12.71 -17.41
N ARG D 117 -0.51 13.51 -16.49
CA ARG D 117 -1.27 14.63 -15.98
C ARG D 117 -0.84 15.89 -16.71
N GLN D 118 0.12 15.74 -17.62
CA GLN D 118 0.65 16.90 -18.34
C GLN D 118 -0.27 17.31 -19.47
N THR D 119 -1.03 18.37 -19.22
N THR D 119 -1.04 18.36 -19.21
CA THR D 119 -2.19 18.67 -20.02
CA THR D 119 -2.19 18.70 -20.03
C THR D 119 -1.80 19.22 -21.39
C THR D 119 -1.76 19.15 -21.41
N ASP D 120 -0.64 19.87 -21.45
CA ASP D 120 -0.12 20.37 -22.73
C ASP D 120 0.30 19.21 -23.66
N LEU D 121 0.79 18.15 -23.04
CA LEU D 121 1.25 16.94 -23.78
C LEU D 121 0.06 16.14 -24.27
N VAL D 122 -0.90 15.93 -23.38
CA VAL D 122 -2.18 15.34 -23.78
C VAL D 122 -2.81 16.03 -24.99
N VAL D 123 -2.88 17.36 -24.94
CA VAL D 123 -3.59 18.06 -26.01
C VAL D 123 -2.81 17.92 -27.31
N ALA D 124 -1.49 18.07 -27.20
CA ALA D 124 -0.61 18.01 -28.37
C ALA D 124 -0.67 16.61 -28.96
N MET D 125 -0.82 15.61 -28.10
CA MET D 125 -0.91 14.25 -28.59
C MET D 125 -2.23 14.06 -29.27
N ALA D 126 -3.27 14.58 -28.61
CA ALA D 126 -4.64 14.36 -29.05
C ALA D 126 -4.80 14.91 -30.45
N LYS D 127 -4.10 16.02 -30.67
CA LYS D 127 -4.35 16.85 -31.86
C LYS D 127 -3.84 16.11 -33.10
N THR D 128 -2.93 15.18 -32.87
CA THR D 128 -2.24 14.51 -33.97
C THR D 128 -3.21 13.59 -34.69
N GLY D 129 -4.26 13.23 -33.97
CA GLY D 129 -5.31 12.33 -34.48
C GLY D 129 -4.89 10.86 -34.54
N ASN D 130 -3.63 10.63 -34.21
CA ASN D 130 -3.08 9.26 -34.13
C ASN D 130 -3.71 8.38 -33.03
N VAL D 131 -3.54 7.08 -33.17
CA VAL D 131 -3.85 6.14 -32.07
C VAL D 131 -2.87 6.42 -30.95
N VAL D 132 -3.40 6.42 -29.72
CA VAL D 132 -2.62 6.78 -28.52
C VAL D 132 -2.64 5.65 -27.50
N ASN D 133 -1.45 5.31 -27.02
CA ASN D 133 -1.26 4.36 -25.91
C ASN D 133 -1.00 5.13 -24.64
N ILE D 134 -1.90 4.93 -23.69
CA ILE D 134 -1.85 5.62 -22.42
C ILE D 134 -1.30 4.66 -21.39
N LYS D 135 -0.06 4.89 -21.00
CA LYS D 135 0.54 4.14 -19.87
C LYS D 135 -0.09 4.57 -18.56
N LYS D 136 -0.76 3.61 -17.92
CA LYS D 136 -1.37 3.82 -16.63
C LYS D 136 -0.28 4.05 -15.56
N PRO D 137 -0.28 5.23 -14.96
CA PRO D 137 0.69 5.52 -13.89
C PRO D 137 0.57 4.53 -12.73
N GLN D 138 1.71 4.24 -12.13
CA GLN D 138 1.79 3.37 -10.95
C GLN D 138 0.95 3.91 -9.79
N PHE D 139 0.73 5.21 -9.80
CA PHE D 139 0.05 5.91 -8.70
C PHE D 139 -1.41 6.18 -8.95
N LEU D 140 -1.87 5.76 -10.11
CA LEU D 140 -3.25 6.04 -10.52
C LEU D 140 -4.10 4.81 -10.47
N SER D 141 -5.22 4.91 -9.78
CA SER D 141 -6.13 3.77 -9.68
C SER D 141 -6.90 3.49 -10.98
N PRO D 142 -7.32 2.24 -11.18
CA PRO D 142 -8.02 1.88 -12.40
C PRO D 142 -9.32 2.65 -12.60
N SER D 143 -9.92 3.07 -11.50
CA SER D 143 -11.18 3.82 -11.58
C SER D 143 -10.96 5.28 -11.97
N GLN D 144 -9.70 5.70 -12.04
CA GLN D 144 -9.36 7.07 -12.40
C GLN D 144 -8.77 7.23 -13.77
N MET D 145 -8.63 6.10 -14.47
CA MET D 145 -8.11 6.12 -15.85
C MET D 145 -9.09 6.92 -16.72
N LYS D 146 -10.34 6.90 -16.29
CA LYS D 146 -11.42 7.60 -17.00
C LYS D 146 -11.15 9.09 -17.13
N ASN D 147 -10.38 9.61 -16.19
CA ASN D 147 -10.06 11.04 -16.15
C ASN D 147 -9.10 11.44 -17.24
N ILE D 148 -8.15 10.56 -17.55
CA ILE D 148 -7.23 10.76 -18.66
C ILE D 148 -7.99 10.60 -19.99
N VAL D 149 -8.83 9.58 -20.05
CA VAL D 149 -9.68 9.32 -21.24
C VAL D 149 -10.54 10.52 -21.57
N GLU D 150 -11.06 11.15 -20.54
N GLU D 150 -11.12 11.06 -20.52
CA GLU D 150 -11.97 12.27 -20.73
CA GLU D 150 -11.93 12.28 -20.56
C GLU D 150 -11.24 13.47 -21.33
C GLU D 150 -11.23 13.39 -21.33
N LYS D 151 -9.99 13.64 -20.93
CA LYS D 151 -9.19 14.76 -21.46
C LYS D 151 -8.92 14.57 -22.93
N PHE D 152 -8.62 13.34 -23.31
CA PHE D 152 -8.36 13.05 -24.72
C PHE D 152 -9.63 13.24 -25.53
N HIS D 153 -10.76 12.86 -24.95
CA HIS D 153 -12.05 12.94 -25.66
C HIS D 153 -12.41 14.41 -25.86
N GLU D 154 -12.16 15.20 -24.85
CA GLU D 154 -12.49 16.63 -24.82
CA GLU D 154 -12.55 16.60 -24.92
C GLU D 154 -11.55 17.41 -25.75
N ALA D 155 -10.42 16.78 -26.05
CA ALA D 155 -9.47 17.32 -27.04
C ALA D 155 -9.60 16.66 -28.41
N GLY D 156 -10.61 15.80 -28.54
CA GLY D 156 -11.05 15.32 -29.87
C GLY D 156 -10.38 14.08 -30.41
N ASN D 157 -9.84 13.25 -29.52
CA ASN D 157 -9.27 11.96 -29.94
C ASN D 157 -9.75 10.82 -29.05
N GLY D 158 -10.41 9.86 -29.69
CA GLY D 158 -11.05 8.76 -28.98
C GLY D 158 -10.47 7.40 -29.29
N LYS D 159 -9.34 7.43 -29.97
CA LYS D 159 -8.59 6.21 -30.36
C LYS D 159 -7.49 5.91 -29.35
N LEU D 160 -7.93 5.46 -28.18
CA LEU D 160 -7.08 5.38 -27.00
C LEU D 160 -6.98 3.91 -26.61
N ILE D 161 -5.76 3.56 -26.26
CA ILE D 161 -5.42 2.24 -25.71
C ILE D 161 -4.98 2.46 -24.28
N LEU D 162 -5.44 1.59 -23.40
CA LEU D 162 -5.12 1.66 -21.97
C LEU D 162 -4.12 0.59 -21.59
N CYS D 163 -3.00 1.01 -21.03
CA CYS D 163 -1.89 0.11 -20.83
C CYS D 163 -1.49 -0.04 -19.36
N GLU D 164 -1.86 -1.19 -18.82
CA GLU D 164 -1.53 -1.58 -17.46
C GLU D 164 -0.05 -1.82 -17.34
N ARG D 165 0.51 -1.25 -16.28
CA ARG D 165 1.90 -1.44 -15.95
C ARG D 165 2.22 -1.64 -14.49
N GLY D 166 1.21 -1.98 -13.71
CA GLY D 166 1.39 -2.21 -12.25
C GLY D 166 1.09 -1.01 -11.39
N SER D 167 0.88 -1.31 -10.11
CA SER D 167 0.49 -0.30 -9.09
C SER D 167 1.49 -0.27 -7.93
N SER D 168 1.78 0.93 -7.47
CA SER D 168 2.66 1.11 -6.30
CA SER D 168 2.64 1.14 -6.28
C SER D 168 2.16 0.31 -5.10
N PHE D 169 3.08 -0.42 -4.49
CA PHE D 169 2.81 -1.32 -3.37
C PHE D 169 3.94 -1.16 -2.33
N GLY D 170 3.67 -0.33 -1.33
CA GLY D 170 4.71 0.08 -0.39
C GLY D 170 5.76 0.86 -1.16
N TYR D 171 6.99 0.82 -0.66
CA TYR D 171 8.15 1.44 -1.33
C TYR D 171 8.82 0.50 -2.32
N ASP D 172 9.06 1.00 -3.52
CA ASP D 172 9.95 0.33 -4.50
C ASP D 172 9.46 -1.03 -5.01
N ASN D 173 8.19 -1.29 -4.82
CA ASN D 173 7.58 -2.50 -5.31
C ASN D 173 6.29 -2.18 -6.05
N LEU D 174 5.98 -3.03 -7.00
CA LEU D 174 4.72 -2.99 -7.75
C LEU D 174 3.92 -4.27 -7.57
N VAL D 175 2.61 -4.12 -7.69
CA VAL D 175 1.70 -5.25 -7.81
CA VAL D 175 1.71 -5.25 -7.82
C VAL D 175 0.73 -4.97 -8.93
N VAL D 176 0.38 -6.01 -9.68
CA VAL D 176 -0.65 -5.91 -10.74
C VAL D 176 -1.99 -6.46 -10.27
N ASP D 177 -2.96 -5.55 -10.16
CA ASP D 177 -4.30 -5.86 -9.74
C ASP D 177 -5.18 -6.38 -10.89
N MET D 178 -5.42 -7.68 -10.88
CA MET D 178 -6.04 -8.36 -12.04
C MET D 178 -7.49 -7.92 -12.17
N LEU D 179 -8.01 -7.25 -11.15
CA LEU D 179 -9.36 -6.74 -11.18
C LEU D 179 -9.42 -5.40 -11.89
N GLY D 180 -8.27 -4.77 -12.02
CA GLY D 180 -8.15 -3.46 -12.62
C GLY D 180 -8.52 -3.43 -14.09
N PHE D 181 -8.20 -4.50 -14.80
CA PHE D 181 -8.53 -4.59 -16.22
C PHE D 181 -10.03 -4.42 -16.44
N GLY D 182 -10.81 -5.10 -15.62
CA GLY D 182 -12.26 -5.08 -15.75
C GLY D 182 -12.84 -3.71 -15.40
N VAL D 183 -12.24 -3.09 -14.38
CA VAL D 183 -12.63 -1.76 -13.94
C VAL D 183 -12.43 -0.75 -15.06
N MET D 184 -11.31 -0.90 -15.77
CA MET D 184 -10.99 0.03 -16.85
C MET D 184 -11.97 -0.15 -18.02
N LYS D 185 -12.25 -1.40 -18.33
CA LYS D 185 -13.22 -1.72 -19.35
C LYS D 185 -14.56 -1.07 -19.07
N GLN D 186 -15.00 -1.21 -17.83
CA GLN D 186 -16.39 -0.89 -17.49
C GLN D 186 -16.57 0.61 -17.39
N THR D 187 -15.49 1.31 -17.11
CA THR D 187 -15.58 2.76 -16.85
C THR D 187 -15.03 3.62 -17.98
N CYS D 188 -14.32 3.01 -18.92
CA CYS D 188 -13.66 3.73 -20.01
C CYS D 188 -14.18 3.32 -21.39
N GLY D 189 -15.40 2.80 -21.39
CA GLY D 189 -16.15 2.57 -22.62
C GLY D 189 -15.63 1.39 -23.42
N ASN D 190 -15.03 0.44 -22.72
CA ASN D 190 -14.49 -0.77 -23.35
C ASN D 190 -13.47 -0.50 -24.44
N LEU D 191 -12.68 0.56 -24.25
CA LEU D 191 -11.47 0.76 -25.06
C LEU D 191 -10.51 -0.41 -24.89
N PRO D 192 -9.72 -0.71 -25.94
CA PRO D 192 -8.67 -1.70 -25.81
C PRO D 192 -7.81 -1.50 -24.60
N VAL D 193 -7.73 -2.58 -23.84
CA VAL D 193 -6.81 -2.69 -22.71
C VAL D 193 -5.68 -3.65 -23.03
N ILE D 194 -4.47 -3.19 -22.77
CA ILE D 194 -3.29 -4.01 -23.00
C ILE D 194 -2.46 -4.09 -21.71
N PHE D 195 -1.60 -5.08 -21.65
CA PHE D 195 -0.78 -5.36 -20.47
C PHE D 195 0.70 -5.28 -20.76
N ASP D 196 1.32 -4.27 -20.17
CA ASP D 196 2.80 -4.18 -20.08
C ASP D 196 3.34 -5.05 -18.96
N VAL D 197 3.70 -6.28 -19.32
CA VAL D 197 4.17 -7.27 -18.36
C VAL D 197 5.59 -6.98 -17.89
N THR D 198 6.37 -6.39 -18.78
CA THR D 198 7.78 -6.10 -18.49
C THR D 198 7.96 -5.07 -17.36
N HIS D 199 7.24 -3.96 -17.45
CA HIS D 199 7.51 -2.86 -16.52
C HIS D 199 6.88 -3.18 -15.19
N SER D 200 5.94 -4.10 -15.25
CA SER D 200 5.18 -4.50 -14.07
C SER D 200 6.05 -5.28 -13.13
N LEU D 201 7.13 -5.81 -13.68
CA LEU D 201 7.98 -6.80 -12.98
C LEU D 201 9.08 -6.08 -12.26
N GLN D 202 8.97 -4.77 -12.28
CA GLN D 202 10.01 -3.90 -11.71
C GLN D 202 9.99 -3.95 -10.19
N THR D 203 11.18 -4.06 -9.62
CA THR D 203 11.35 -3.95 -8.18
C THR D 203 12.78 -3.58 -7.75
N GLY D 213 13.42 -17.84 -13.35
CA GLY D 213 13.10 -16.70 -12.47
C GLY D 213 12.30 -15.64 -13.18
N ARG D 214 13.03 -14.65 -13.68
CA ARG D 214 12.42 -13.56 -14.46
C ARG D 214 11.59 -14.16 -15.59
N ARG D 215 12.22 -15.08 -16.31
CA ARG D 215 11.58 -15.79 -17.44
C ARG D 215 10.31 -16.48 -16.99
N ALA D 216 10.39 -17.04 -15.79
CA ALA D 216 9.30 -17.84 -15.23
C ALA D 216 8.22 -16.93 -14.66
N GLN D 217 8.64 -15.82 -14.06
CA GLN D 217 7.68 -14.94 -13.39
C GLN D 217 6.98 -14.12 -14.45
N ALA D 218 7.70 -13.79 -15.52
CA ALA D 218 7.10 -13.02 -16.60
C ALA D 218 5.97 -13.81 -17.24
N LEU D 219 6.18 -15.11 -17.43
CA LEU D 219 5.18 -15.94 -18.13
C LEU D 219 3.92 -16.07 -17.26
N ASP D 220 4.13 -16.31 -15.99
CA ASP D 220 3.01 -16.49 -15.05
C ASP D 220 2.21 -15.20 -15.00
N LEU D 221 2.90 -14.07 -15.00
CA LEU D 221 2.25 -12.80 -14.84
C LEU D 221 1.48 -12.46 -16.11
N ALA D 222 2.08 -12.76 -17.25
CA ALA D 222 1.44 -12.50 -18.57
C ALA D 222 0.22 -13.39 -18.81
N LEU D 223 0.32 -14.64 -18.42
CA LEU D 223 -0.80 -15.56 -18.54
C LEU D 223 -1.97 -15.10 -17.67
N ALA D 224 -1.66 -14.67 -16.46
CA ALA D 224 -2.69 -14.22 -15.49
C ALA D 224 -3.46 -13.02 -16.01
N GLY D 225 -2.74 -12.10 -16.61
CA GLY D 225 -3.39 -10.91 -17.18
C GLY D 225 -4.24 -11.22 -18.38
N MET D 226 -3.71 -12.06 -19.27
CA MET D 226 -4.40 -12.32 -20.52
C MET D 226 -5.64 -13.17 -20.24
N ALA D 227 -5.60 -13.87 -19.11
CA ALA D 227 -6.75 -14.68 -18.69
C ALA D 227 -8.00 -13.82 -18.45
N THR D 228 -7.81 -12.51 -18.35
CA THR D 228 -8.90 -11.57 -18.04
C THR D 228 -9.52 -10.93 -19.30
N ARG D 229 -9.02 -11.40 -20.43
CA ARG D 229 -9.52 -11.09 -21.77
C ARG D 229 -9.15 -9.69 -22.24
N LEU D 230 -7.97 -9.61 -22.84
CA LEU D 230 -7.35 -8.33 -23.16
C LEU D 230 -7.08 -8.20 -24.66
N ALA D 231 -6.94 -6.96 -25.08
CA ALA D 231 -6.65 -6.60 -26.48
C ALA D 231 -5.22 -6.92 -26.87
N GLY D 232 -4.34 -6.93 -25.89
CA GLY D 232 -2.93 -7.03 -26.21
C GLY D 232 -2.00 -7.19 -25.05
N LEU D 233 -0.79 -7.53 -25.44
CA LEU D 233 0.39 -7.69 -24.59
C LEU D 233 1.53 -6.80 -25.02
N PHE D 234 2.18 -6.24 -24.02
CA PHE D 234 3.23 -5.23 -24.25
C PHE D 234 4.48 -5.70 -23.57
N LEU D 235 5.54 -5.89 -24.34
CA LEU D 235 6.77 -6.45 -23.79
C LEU D 235 8.06 -6.08 -24.48
N GLU D 236 9.10 -6.31 -23.71
CA GLU D 236 10.48 -6.02 -24.07
C GLU D 236 11.34 -7.27 -23.92
N SER D 237 12.24 -7.40 -24.88
CA SER D 237 13.30 -8.40 -24.87
C SER D 237 14.67 -7.74 -24.79
N HIS D 238 15.68 -8.58 -24.63
CA HIS D 238 17.03 -8.25 -25.08
C HIS D 238 17.71 -9.44 -25.75
N PRO D 239 18.67 -9.17 -26.63
CA PRO D 239 19.42 -10.20 -27.30
C PRO D 239 20.45 -10.80 -26.35
N ALA D 251 13.28 -7.74 -19.07
CA ALA D 251 13.34 -8.11 -20.49
C ALA D 251 13.49 -9.62 -20.66
N LEU D 252 12.52 -10.15 -21.40
CA LEU D 252 12.52 -11.56 -21.84
C LEU D 252 13.76 -11.84 -22.69
N PRO D 253 14.48 -12.93 -22.41
CA PRO D 253 15.51 -13.35 -23.36
C PRO D 253 14.91 -13.64 -24.72
N LEU D 254 15.52 -13.07 -25.75
CA LEU D 254 14.91 -13.01 -27.09
C LEU D 254 14.64 -14.39 -27.65
N HIS D 255 15.54 -15.32 -27.40
CA HIS D 255 15.47 -16.65 -28.01
C HIS D 255 14.26 -17.39 -27.44
N LEU D 256 13.72 -16.84 -26.39
CA LEU D 256 12.64 -17.52 -25.68
C LEU D 256 11.31 -16.99 -26.17
N LEU D 257 11.38 -16.04 -27.08
CA LEU D 257 10.17 -15.31 -27.47
C LEU D 257 9.15 -16.23 -28.11
N GLU D 258 9.60 -17.16 -28.94
CA GLU D 258 8.69 -18.01 -29.71
C GLU D 258 7.94 -18.95 -28.75
N ASP D 259 8.67 -19.49 -27.80
CA ASP D 259 8.10 -20.44 -26.84
C ASP D 259 7.14 -19.71 -25.92
N PHE D 260 7.54 -18.51 -25.54
CA PHE D 260 6.73 -17.63 -24.67
C PHE D 260 5.40 -17.34 -25.34
N LEU D 261 5.50 -16.88 -26.57
CA LEU D 261 4.31 -16.55 -27.37
C LEU D 261 3.42 -17.74 -27.70
N ILE D 262 3.98 -18.92 -27.90
CA ILE D 262 3.14 -20.10 -28.11
C ILE D 262 2.13 -20.24 -26.96
N ARG D 263 2.63 -20.02 -25.75
CA ARG D 263 1.85 -20.25 -24.53
C ARG D 263 0.84 -19.15 -24.32
N ILE D 264 1.23 -17.93 -24.69
CA ILE D 264 0.32 -16.81 -24.55
C ILE D 264 -0.81 -16.98 -25.56
N LYS D 265 -0.46 -17.33 -26.78
CA LYS D 265 -1.49 -17.51 -27.81
C LYS D 265 -2.47 -18.62 -27.40
N ALA D 266 -1.90 -19.70 -26.88
CA ALA D 266 -2.67 -20.87 -26.45
C ALA D 266 -3.79 -20.41 -25.51
N LEU D 267 -3.42 -19.60 -24.57
CA LEU D 267 -4.35 -19.14 -23.52
C LEU D 267 -5.30 -18.11 -24.13
N ASP D 268 -4.76 -17.19 -24.91
CA ASP D 268 -5.60 -16.16 -25.52
C ASP D 268 -6.67 -16.79 -26.39
N ASP D 269 -6.27 -17.78 -27.17
CA ASP D 269 -7.19 -18.43 -28.11
C ASP D 269 -8.34 -19.07 -27.35
N LEU D 270 -8.00 -19.65 -26.20
CA LEU D 270 -9.01 -20.35 -25.37
C LEU D 270 -9.98 -19.35 -24.77
N ILE D 271 -9.45 -18.30 -24.17
CA ILE D 271 -10.27 -17.26 -23.52
C ILE D 271 -11.19 -16.57 -24.51
N LYS D 272 -10.61 -16.22 -25.66
CA LYS D 272 -11.32 -15.47 -26.69
C LYS D 272 -12.40 -16.34 -27.38
N SER D 273 -12.29 -17.64 -27.20
CA SER D 273 -13.26 -18.58 -27.81
C SER D 273 -14.48 -18.75 -26.94
N GLN D 274 -14.35 -18.29 -25.71
CA GLN D 274 -15.41 -18.51 -24.72
C GLN D 274 -16.34 -17.31 -24.74
N PRO D 275 -17.65 -17.55 -24.82
CA PRO D 275 -18.51 -16.36 -24.78
C PRO D 275 -18.35 -15.57 -23.49
N ILE D 276 -18.57 -14.27 -23.61
CA ILE D 276 -18.64 -13.36 -22.45
C ILE D 276 -19.89 -13.59 -21.62
N LEU D 277 -19.76 -13.35 -20.32
CA LEU D 277 -20.88 -13.01 -19.41
C LEU D 277 -20.81 -13.80 -18.09
#